data_4K05
#
_entry.id   4K05
#
_cell.length_a   54.080
_cell.length_b   88.410
_cell.length_c   159.540
_cell.angle_alpha   90.000
_cell.angle_beta   90.000
_cell.angle_gamma   90.000
#
_symmetry.space_group_name_H-M   'P 21 21 21'
#
loop_
_entity.id
_entity.type
_entity.pdbx_description
1 polymer 'Conserved hypothetical exported protein'
2 non-polymer 'POTASSIUM ION'
3 non-polymer 'FORMIC ACID'
4 non-polymer 'PENTAETHYLENE GLYCOL'
5 water water
#
_entity_poly.entity_id   1
_entity_poly.type   'polypeptide(L)'
_entity_poly.pdbx_seq_one_letter_code
;GAEPGARPPRIRIKTGIEVLKEQNFKCLEGKRVGLITNPTGVDNHLISTIDILHEAPNVNLVALYGPEHGVRGDVHAGDK
VDNANDSSTGLPVYSLYGKTRKPTPE(MSE)LKDIDVLVYDIQDIGCRSFTYIST(MSE)GVA(MSE)EAAAENNKEFIV
LDRPNPIGGLKIEGNVVEDGYISFVSQFKIPYLYGLTCGELAL(MSE)LNGEQ(MSE)LSKPCNLHVVK(MSE)KGWKRK
(MSE)DYVQTGLQWIPSSPHIPHPHSAFFYPVSGILGELGY(MSE)SIGVGYTIPFQ(MSE)FAARWVEAEKLADNLNRL
HLPGVIFRP(MSE)HLKPFYSVGKEEHLQGVQVHIVDFNKASLSEIQFYV(MSE)QEVTALYPDRAVFDHADKERFH
(MSE)FDLVSGSKEIRERFSQRNRWEDVRDYWYKDVDDFRRLSQKYYLYK
;
_entity_poly.pdbx_strand_id   A,B
#
loop_
_chem_comp.id
_chem_comp.type
_chem_comp.name
_chem_comp.formula
1PE non-polymer 'PENTAETHYLENE GLYCOL' 'C10 H22 O6'
FMT non-polymer 'FORMIC ACID' 'C H2 O2'
K non-polymer 'POTASSIUM ION' 'K 1'
#
# COMPACT_ATOMS: atom_id res chain seq x y z
N PRO A 9 -0.59 19.96 2.71
CA PRO A 9 -1.75 19.07 2.48
C PRO A 9 -2.98 19.89 2.07
N ARG A 10 -3.48 19.67 0.84
CA ARG A 10 -4.64 20.38 0.30
C ARG A 10 -5.30 19.59 -0.84
N ILE A 11 -6.63 19.62 -0.84
CA ILE A 11 -7.46 19.05 -1.92
C ILE A 11 -7.43 20.13 -3.02
N ARG A 12 -6.87 19.81 -4.18
CA ARG A 12 -6.61 20.72 -5.31
C ARG A 12 -7.72 20.77 -6.36
N ILE A 13 -8.78 19.96 -6.19
CA ILE A 13 -9.87 19.91 -7.17
C ILE A 13 -11.20 19.90 -6.45
N LYS A 14 -12.27 20.09 -7.19
CA LYS A 14 -13.65 19.90 -6.72
C LYS A 14 -14.22 18.73 -7.49
N THR A 15 -14.50 17.61 -6.81
CA THR A 15 -15.13 16.46 -7.45
C THR A 15 -16.55 16.82 -7.83
N GLY A 16 -17.20 15.98 -8.64
CA GLY A 16 -18.59 16.19 -9.03
C GLY A 16 -19.51 16.37 -7.82
N ILE A 17 -19.33 15.55 -6.74
CA ILE A 17 -20.17 15.70 -5.53
C ILE A 17 -19.93 17.10 -4.85
N GLU A 18 -18.66 17.58 -4.80
CA GLU A 18 -18.38 18.90 -4.21
C GLU A 18 -19.03 20.01 -5.05
N VAL A 19 -19.02 19.85 -6.40
CA VAL A 19 -19.63 20.84 -7.29
C VAL A 19 -21.16 20.82 -7.08
N LEU A 20 -21.74 19.62 -6.98
CA LEU A 20 -23.18 19.45 -6.79
C LEU A 20 -23.62 20.12 -5.47
N LYS A 21 -22.85 19.94 -4.40
CA LYS A 21 -23.14 20.60 -3.11
C LYS A 21 -23.10 22.13 -3.25
N GLU A 22 -22.07 22.66 -3.95
CA GLU A 22 -21.90 24.10 -4.19
C GLU A 22 -23.09 24.69 -5.00
N GLN A 23 -23.65 23.88 -5.92
CA GLN A 23 -24.79 24.26 -6.76
C GLN A 23 -26.11 24.00 -6.03
N ASN A 24 -26.04 23.66 -4.72
CA ASN A 24 -27.19 23.32 -3.88
C ASN A 24 -28.14 22.30 -4.59
N PHE A 25 -27.55 21.29 -5.27
CA PHE A 25 -28.28 20.16 -5.88
C PHE A 25 -29.35 20.60 -6.89
N LYS A 26 -29.14 21.74 -7.56
CA LYS A 26 -30.12 22.31 -8.49
C LYS A 26 -30.59 21.32 -9.57
N CYS A 27 -29.67 20.57 -10.19
CA CYS A 27 -30.04 19.64 -11.28
C CYS A 27 -30.86 18.42 -10.77
N LEU A 28 -31.03 18.27 -9.44
CA LEU A 28 -31.83 17.16 -8.90
C LEU A 28 -33.20 17.61 -8.43
N GLU A 29 -33.45 18.93 -8.40
CA GLU A 29 -34.72 19.42 -7.86
C GLU A 29 -35.94 18.92 -8.65
N GLY A 30 -36.99 18.56 -7.91
CA GLY A 30 -38.26 18.08 -8.42
C GLY A 30 -38.23 16.69 -9.04
N LYS A 31 -37.15 15.92 -8.81
CA LYS A 31 -37.01 14.60 -9.41
C LYS A 31 -36.90 13.51 -8.38
N ARG A 32 -37.44 12.32 -8.70
CA ARG A 32 -37.23 11.12 -7.87
C ARG A 32 -35.85 10.63 -8.22
N VAL A 33 -34.94 10.61 -7.25
CA VAL A 33 -33.53 10.28 -7.50
C VAL A 33 -33.18 8.86 -7.06
N GLY A 34 -32.53 8.13 -7.97
CA GLY A 34 -31.93 6.82 -7.75
C GLY A 34 -30.43 7.04 -7.72
N LEU A 35 -29.69 6.40 -6.80
CA LEU A 35 -28.25 6.65 -6.70
C LEU A 35 -27.47 5.37 -6.80
N ILE A 36 -26.57 5.32 -7.77
CA ILE A 36 -25.64 4.21 -8.01
C ILE A 36 -24.35 4.60 -7.33
N THR A 37 -23.96 3.88 -6.26
CA THR A 37 -22.75 4.27 -5.57
C THR A 37 -22.15 3.09 -4.78
N ASN A 38 -21.04 3.34 -4.10
CA ASN A 38 -20.41 2.35 -3.24
C ASN A 38 -19.59 3.16 -2.22
N PRO A 39 -18.70 2.54 -1.39
CA PRO A 39 -18.00 3.32 -0.36
C PRO A 39 -17.08 4.42 -0.90
N THR A 40 -16.71 4.40 -2.21
CA THR A 40 -15.87 5.47 -2.76
C THR A 40 -16.66 6.74 -3.04
N GLY A 41 -18.00 6.65 -3.07
CA GLY A 41 -18.85 7.83 -3.31
C GLY A 41 -18.94 8.71 -2.09
N VAL A 42 -17.89 9.50 -1.83
CA VAL A 42 -17.80 10.37 -0.65
C VAL A 42 -17.36 11.79 -1.05
N ASP A 43 -17.61 12.75 -0.17
CA ASP A 43 -17.14 14.14 -0.39
C ASP A 43 -15.75 14.33 0.24
N ASN A 44 -15.29 15.59 0.34
CA ASN A 44 -13.97 15.91 0.92
C ASN A 44 -13.83 15.51 2.39
N HIS A 45 -14.94 15.36 3.11
CA HIS A 45 -14.94 15.00 4.54
C HIS A 45 -15.16 13.52 4.76
N LEU A 46 -15.20 12.73 3.65
CA LEU A 46 -15.41 11.28 3.62
C LEU A 46 -16.84 10.91 4.11
N ILE A 47 -17.79 11.83 3.92
CA ILE A 47 -19.22 11.59 4.17
C ILE A 47 -19.79 11.04 2.85
N SER A 48 -20.58 9.96 2.93
CA SER A 48 -21.18 9.31 1.74
CA SER A 48 -21.15 9.33 1.73
C SER A 48 -22.15 10.22 1.00
N THR A 49 -22.15 10.13 -0.34
CA THR A 49 -23.10 10.84 -1.21
C THR A 49 -24.53 10.38 -0.80
N ILE A 50 -24.68 9.12 -0.30
CA ILE A 50 -25.99 8.64 0.16
C ILE A 50 -26.54 9.57 1.23
N ASP A 51 -25.72 9.82 2.27
CA ASP A 51 -26.15 10.61 3.43
C ASP A 51 -26.28 12.10 3.06
N ILE A 52 -25.43 12.60 2.13
CA ILE A 52 -25.52 13.98 1.64
C ILE A 52 -26.88 14.21 0.94
N LEU A 53 -27.26 13.32 0.01
CA LEU A 53 -28.53 13.47 -0.73
C LEU A 53 -29.74 13.16 0.15
N HIS A 54 -29.60 12.18 1.07
CA HIS A 54 -30.72 11.84 1.98
C HIS A 54 -31.05 13.02 2.89
N GLU A 55 -30.01 13.73 3.39
CA GLU A 55 -30.19 14.88 4.30
C GLU A 55 -30.60 16.16 3.57
N ALA A 56 -30.23 16.33 2.27
CA ALA A 56 -30.59 17.54 1.50
C ALA A 56 -32.12 17.67 1.39
N PRO A 57 -32.78 18.73 1.95
CA PRO A 57 -34.27 18.77 1.92
C PRO A 57 -34.87 18.97 0.51
N ASN A 58 -34.07 19.52 -0.43
CA ASN A 58 -34.54 19.75 -1.80
C ASN A 58 -34.21 18.58 -2.75
N VAL A 59 -33.75 17.42 -2.20
CA VAL A 59 -33.47 16.22 -2.98
C VAL A 59 -34.42 15.09 -2.51
N ASN A 60 -35.11 14.46 -3.45
CA ASN A 60 -35.97 13.35 -3.13
C ASN A 60 -35.24 12.04 -3.48
N LEU A 61 -34.38 11.57 -2.59
CA LEU A 61 -33.62 10.33 -2.82
C LEU A 61 -34.52 9.13 -2.47
N VAL A 62 -34.83 8.29 -3.47
CA VAL A 62 -35.79 7.21 -3.24
C VAL A 62 -35.23 5.79 -3.34
N ALA A 63 -34.07 5.59 -3.99
CA ALA A 63 -33.55 4.23 -4.16
C ALA A 63 -32.03 4.26 -4.31
N LEU A 64 -31.39 3.17 -3.88
CA LEU A 64 -29.96 2.98 -3.97
C LEU A 64 -29.64 1.74 -4.79
N TYR A 65 -28.54 1.78 -5.54
CA TYR A 65 -28.10 0.69 -6.43
C TYR A 65 -26.61 0.45 -6.18
N GLY A 66 -26.26 -0.78 -5.83
CA GLY A 66 -24.88 -1.15 -5.55
C GLY A 66 -24.25 -1.98 -6.66
N PRO A 67 -22.96 -1.69 -7.04
CA PRO A 67 -22.30 -2.47 -8.11
C PRO A 67 -21.60 -3.72 -7.58
N GLU A 68 -20.58 -4.22 -8.33
CA GLU A 68 -19.74 -5.34 -7.90
C GLU A 68 -19.11 -4.93 -6.56
N HIS A 69 -19.15 -5.84 -5.57
CA HIS A 69 -18.66 -5.70 -4.19
C HIS A 69 -19.68 -5.01 -3.23
N GLY A 70 -20.78 -4.43 -3.76
CA GLY A 70 -21.84 -3.79 -2.96
C GLY A 70 -21.75 -2.28 -2.67
N VAL A 71 -22.84 -1.68 -2.10
CA VAL A 71 -23.13 -0.24 -1.83
C VAL A 71 -22.53 0.35 -0.49
N ARG A 72 -22.89 -0.22 0.68
CA ARG A 72 -22.27 0.20 1.95
C ARG A 72 -21.01 -0.66 2.12
N GLY A 73 -20.77 -1.55 1.16
CA GLY A 73 -19.66 -2.48 1.13
C GLY A 73 -19.84 -3.61 2.13
N ASP A 74 -21.10 -3.89 2.57
CA ASP A 74 -21.38 -4.90 3.60
C ASP A 74 -22.03 -6.21 3.10
N VAL A 75 -22.34 -6.34 1.79
CA VAL A 75 -22.95 -7.59 1.30
C VAL A 75 -21.88 -8.48 0.60
N HIS A 76 -21.26 -8.00 -0.51
CA HIS A 76 -20.23 -8.64 -1.34
C HIS A 76 -20.57 -10.10 -1.69
N ALA A 84 -34.49 -5.89 0.19
CA ALA A 84 -33.40 -5.34 1.02
C ALA A 84 -33.52 -3.82 1.17
N ASN A 85 -33.27 -3.31 2.41
CA ASN A 85 -33.32 -1.87 2.71
C ASN A 85 -32.10 -1.41 3.49
N ASP A 86 -31.63 -0.19 3.20
CA ASP A 86 -30.48 0.45 3.84
C ASP A 86 -30.84 0.84 5.28
N SER A 87 -30.05 0.39 6.27
CA SER A 87 -30.32 0.63 7.70
CA SER A 87 -30.31 0.61 7.70
C SER A 87 -30.42 2.11 8.09
N SER A 88 -29.41 2.92 7.73
CA SER A 88 -29.38 4.33 8.11
CA SER A 88 -29.40 4.32 8.13
C SER A 88 -30.47 5.19 7.44
N THR A 89 -30.79 4.94 6.18
CA THR A 89 -31.77 5.78 5.48
C THR A 89 -33.15 5.16 5.32
N GLY A 90 -33.23 3.83 5.45
CA GLY A 90 -34.46 3.07 5.25
C GLY A 90 -34.81 2.88 3.79
N LEU A 91 -33.91 3.30 2.87
CA LEU A 91 -34.19 3.24 1.43
C LEU A 91 -34.01 1.86 0.83
N PRO A 92 -34.82 1.51 -0.20
CA PRO A 92 -34.63 0.22 -0.88
C PRO A 92 -33.26 0.19 -1.58
N VAL A 93 -32.59 -0.96 -1.51
CA VAL A 93 -31.27 -1.17 -2.09
C VAL A 93 -31.37 -2.26 -3.16
N TYR A 94 -30.89 -1.94 -4.39
CA TYR A 94 -30.92 -2.91 -5.49
C TYR A 94 -29.51 -3.34 -5.79
N SER A 95 -29.37 -4.61 -6.18
CA SER A 95 -28.06 -5.15 -6.50
C SER A 95 -27.85 -5.14 -8.01
N LEU A 96 -26.81 -4.42 -8.45
CA LEU A 96 -26.46 -4.39 -9.85
C LEU A 96 -25.28 -5.31 -10.11
N TYR A 97 -25.46 -6.61 -9.87
CA TYR A 97 -24.45 -7.62 -10.15
CA TYR A 97 -24.46 -7.64 -10.13
C TYR A 97 -25.16 -8.94 -10.54
N GLY A 98 -24.41 -9.84 -11.17
CA GLY A 98 -24.93 -11.13 -11.63
C GLY A 98 -26.04 -11.01 -12.63
N LYS A 99 -27.20 -11.63 -12.34
CA LYS A 99 -28.33 -11.62 -13.28
C LYS A 99 -28.90 -10.24 -13.49
N THR A 100 -28.71 -9.30 -12.53
CA THR A 100 -29.29 -7.97 -12.69
C THR A 100 -28.20 -6.89 -12.77
N ARG A 101 -27.10 -7.15 -13.53
CA ARG A 101 -26.01 -6.19 -13.69
CA ARG A 101 -26.00 -6.18 -13.75
C ARG A 101 -26.55 -4.91 -14.36
N LYS A 102 -27.57 -5.05 -15.22
CA LYS A 102 -28.26 -3.97 -15.91
C LYS A 102 -29.60 -3.75 -15.20
N PRO A 103 -29.91 -2.51 -14.73
CA PRO A 103 -31.20 -2.27 -14.05
C PRO A 103 -32.37 -2.66 -14.96
N THR A 104 -33.36 -3.32 -14.37
CA THR A 104 -34.57 -3.73 -15.06
C THR A 104 -35.57 -2.58 -15.09
N PRO A 105 -36.57 -2.62 -16.02
CA PRO A 105 -37.59 -1.56 -16.01
C PRO A 105 -38.33 -1.44 -14.66
N GLU A 106 -38.55 -2.57 -13.94
CA GLU A 106 -39.22 -2.53 -12.63
C GLU A 106 -38.39 -1.77 -11.60
N MSE A 107 -37.05 -1.91 -11.65
CA MSE A 107 -36.08 -1.26 -10.77
C MSE A 107 -36.03 0.24 -10.98
O MSE A 107 -35.52 0.95 -10.11
CB MSE A 107 -34.67 -1.81 -11.04
CG MSE A 107 -34.35 -3.04 -10.22
SE MSE A 107 -32.56 -3.61 -10.56
CE MSE A 107 -32.99 -5.37 -10.86
N LEU A 108 -36.49 0.73 -12.17
CA LEU A 108 -36.43 2.13 -12.60
C LEU A 108 -37.79 2.83 -12.59
N LYS A 109 -38.91 2.09 -12.43
CA LYS A 109 -40.25 2.70 -12.48
C LYS A 109 -40.47 3.76 -11.38
N ASP A 110 -39.73 3.65 -10.27
CA ASP A 110 -39.90 4.54 -9.13
C ASP A 110 -38.98 5.77 -9.17
N ILE A 111 -38.18 5.96 -10.24
CA ILE A 111 -37.26 7.08 -10.32
C ILE A 111 -37.45 7.90 -11.61
N ASP A 112 -36.93 9.13 -11.60
CA ASP A 112 -36.87 9.99 -12.79
C ASP A 112 -35.42 10.10 -13.27
N VAL A 113 -34.48 10.06 -12.34
CA VAL A 113 -33.07 10.25 -12.68
C VAL A 113 -32.20 9.28 -11.89
N LEU A 114 -31.19 8.70 -12.56
CA LEU A 114 -30.16 7.86 -11.95
C LEU A 114 -28.92 8.68 -11.81
N VAL A 115 -28.39 8.80 -10.60
CA VAL A 115 -27.15 9.56 -10.33
C VAL A 115 -26.05 8.54 -10.09
N TYR A 116 -24.89 8.73 -10.74
CA TYR A 116 -23.78 7.79 -10.65
C TYR A 116 -22.62 8.47 -9.94
N ASP A 117 -22.13 7.89 -8.81
CA ASP A 117 -20.99 8.46 -8.08
C ASP A 117 -20.09 7.36 -7.56
N ILE A 118 -19.12 6.95 -8.39
CA ILE A 118 -18.18 5.86 -8.06
C ILE A 118 -16.80 6.22 -8.59
N GLN A 119 -15.75 5.95 -7.78
CA GLN A 119 -14.37 6.12 -8.22
C GLN A 119 -13.90 4.85 -8.94
N ASP A 120 -13.54 4.96 -10.25
CA ASP A 120 -13.01 3.81 -10.97
C ASP A 120 -11.48 3.94 -11.05
N ILE A 121 -10.83 3.10 -11.86
CA ILE A 121 -9.35 3.08 -11.89
C ILE A 121 -8.76 3.35 -13.27
N GLY A 122 -9.58 3.71 -14.27
CA GLY A 122 -9.08 4.01 -15.60
C GLY A 122 -8.70 2.80 -16.41
N CYS A 123 -9.21 1.61 -16.00
CA CYS A 123 -8.93 0.36 -16.72
C CYS A 123 -10.25 -0.29 -17.13
N ARG A 124 -10.31 -0.72 -18.39
CA ARG A 124 -11.53 -1.28 -19.01
C ARG A 124 -12.11 -2.54 -18.28
N SER A 125 -11.25 -3.37 -17.69
CA SER A 125 -11.75 -4.63 -17.10
C SER A 125 -12.30 -4.45 -15.69
N PHE A 126 -12.19 -3.22 -15.14
CA PHE A 126 -12.73 -2.90 -13.81
C PHE A 126 -14.20 -2.62 -14.04
N THR A 127 -15.08 -3.43 -13.46
CA THR A 127 -16.48 -3.47 -13.90
C THR A 127 -17.37 -2.29 -13.49
N TYR A 128 -16.89 -1.30 -12.70
CA TYR A 128 -17.76 -0.17 -12.38
C TYR A 128 -18.16 0.63 -13.65
N ILE A 129 -17.23 0.76 -14.64
CA ILE A 129 -17.58 1.49 -15.87
C ILE A 129 -18.58 0.66 -16.68
N SER A 130 -18.55 -0.69 -16.57
CA SER A 130 -19.54 -1.51 -17.26
C SER A 130 -20.91 -1.25 -16.63
N THR A 131 -20.97 -1.19 -15.29
CA THR A 131 -22.21 -0.87 -14.53
C THR A 131 -22.74 0.49 -15.02
N MSE A 132 -21.84 1.49 -15.14
CA MSE A 132 -22.23 2.83 -15.58
C MSE A 132 -22.88 2.81 -16.96
O MSE A 132 -23.97 3.36 -17.13
CB MSE A 132 -21.02 3.77 -15.65
CG MSE A 132 -21.46 5.22 -15.77
SE MSE A 132 -19.97 6.39 -16.24
CE MSE A 132 -19.56 5.68 -18.08
N GLY A 133 -22.21 2.18 -17.93
CA GLY A 133 -22.71 2.15 -19.30
C GLY A 133 -23.99 1.37 -19.45
N VAL A 134 -24.11 0.22 -18.77
CA VAL A 134 -25.31 -0.59 -18.91
C VAL A 134 -26.47 0.11 -18.18
N ALA A 135 -26.20 0.81 -17.05
CA ALA A 135 -27.25 1.58 -16.36
C ALA A 135 -27.69 2.75 -17.24
N MSE A 136 -26.73 3.39 -17.94
CA MSE A 136 -27.05 4.47 -18.90
CA MSE A 136 -27.06 4.48 -18.86
C MSE A 136 -27.98 3.97 -19.98
O MSE A 136 -28.92 4.67 -20.37
CB MSE A 136 -25.77 4.99 -19.58
CB MSE A 136 -25.76 5.06 -19.43
CG MSE A 136 -25.05 5.98 -18.80
CG MSE A 136 -25.92 6.38 -20.08
SE MSE A 136 -23.43 6.50 -19.73
SE MSE A 136 -24.19 7.14 -20.54
CE MSE A 136 -24.23 7.36 -21.39
CE MSE A 136 -23.23 6.67 -18.91
N GLU A 137 -27.70 2.77 -20.49
CA GLU A 137 -28.49 2.16 -21.55
C GLU A 137 -29.89 1.85 -21.02
N ALA A 138 -30.00 1.29 -19.79
CA ALA A 138 -31.30 1.03 -19.16
C ALA A 138 -32.05 2.37 -18.96
N ALA A 139 -31.35 3.44 -18.55
CA ALA A 139 -31.99 4.76 -18.41
C ALA A 139 -32.53 5.25 -19.75
N ALA A 140 -31.72 5.13 -20.82
CA ALA A 140 -32.11 5.56 -22.18
C ALA A 140 -33.35 4.79 -22.67
N GLU A 141 -33.39 3.48 -22.43
CA GLU A 141 -34.48 2.63 -22.87
C GLU A 141 -35.77 2.85 -22.09
N ASN A 142 -35.67 3.43 -20.88
CA ASN A 142 -36.86 3.63 -20.04
C ASN A 142 -37.17 5.12 -19.83
N ASN A 143 -36.58 5.99 -20.70
CA ASN A 143 -36.81 7.44 -20.67
CA ASN A 143 -36.79 7.44 -20.69
C ASN A 143 -36.45 8.06 -19.31
N LYS A 144 -35.31 7.66 -18.74
CA LYS A 144 -34.85 8.22 -17.45
C LYS A 144 -33.62 9.09 -17.71
N GLU A 145 -33.43 10.11 -16.90
CA GLU A 145 -32.25 10.96 -16.99
C GLU A 145 -31.08 10.22 -16.30
N PHE A 146 -29.86 10.49 -16.75
CA PHE A 146 -28.65 9.89 -16.16
C PHE A 146 -27.69 11.00 -15.83
N ILE A 147 -27.25 11.09 -14.57
CA ILE A 147 -26.32 12.14 -14.17
C ILE A 147 -25.05 11.52 -13.61
N VAL A 148 -23.89 11.90 -14.14
CA VAL A 148 -22.61 11.42 -13.62
C VAL A 148 -21.98 12.52 -12.78
N LEU A 149 -21.57 12.19 -11.53
CA LEU A 149 -20.82 13.13 -10.68
C LEU A 149 -19.36 12.81 -10.97
N ASP A 150 -18.70 13.66 -11.77
CA ASP A 150 -17.39 13.26 -12.28
C ASP A 150 -16.33 13.11 -11.17
N ARG A 151 -15.37 12.21 -11.44
CA ARG A 151 -14.28 11.87 -10.53
C ARG A 151 -12.98 11.75 -11.34
N PRO A 152 -11.84 11.92 -10.67
CA PRO A 152 -10.56 11.83 -11.39
C PRO A 152 -10.28 10.47 -12.00
N ASN A 153 -9.52 10.44 -13.09
CA ASN A 153 -9.00 9.18 -13.64
C ASN A 153 -7.72 9.02 -12.83
N PRO A 154 -7.61 8.01 -11.94
CA PRO A 154 -6.45 7.99 -11.01
C PRO A 154 -5.09 7.75 -11.66
N ILE A 155 -5.07 7.27 -12.91
CA ILE A 155 -3.78 7.06 -13.58
C ILE A 155 -3.54 8.19 -14.59
N GLY A 156 -4.33 9.27 -14.50
CA GLY A 156 -4.20 10.38 -15.43
C GLY A 156 -5.01 10.23 -16.71
N GLY A 157 -5.13 11.32 -17.46
CA GLY A 157 -5.91 11.35 -18.70
C GLY A 157 -5.09 11.33 -19.96
N LEU A 158 -3.86 10.82 -19.88
CA LEU A 158 -2.97 10.81 -21.04
C LEU A 158 -2.64 9.42 -21.55
N LYS A 159 -2.50 8.44 -20.64
CA LYS A 159 -2.16 7.09 -21.09
C LYS A 159 -3.32 6.42 -21.81
N ILE A 160 -3.04 5.86 -22.99
CA ILE A 160 -3.97 5.07 -23.80
C ILE A 160 -3.18 3.84 -24.23
N GLU A 161 -3.69 2.63 -23.90
CA GLU A 161 -3.00 1.37 -24.23
C GLU A 161 -3.97 0.27 -24.57
N GLY A 162 -3.56 -0.61 -25.49
CA GLY A 162 -4.34 -1.79 -25.81
C GLY A 162 -5.32 -1.63 -26.95
N ASN A 163 -5.61 -2.74 -27.60
CA ASN A 163 -6.58 -2.75 -28.72
C ASN A 163 -7.97 -2.44 -28.20
N VAL A 164 -8.84 -1.91 -29.05
CA VAL A 164 -10.23 -1.75 -28.64
C VAL A 164 -10.85 -3.16 -28.64
N VAL A 165 -11.96 -3.32 -27.91
CA VAL A 165 -12.67 -4.60 -27.84
C VAL A 165 -13.30 -4.95 -29.20
N GLU A 166 -13.14 -6.21 -29.62
CA GLU A 166 -13.76 -6.76 -30.82
C GLU A 166 -15.16 -7.29 -30.52
N ASP A 167 -16.07 -7.28 -31.52
CA ASP A 167 -17.46 -7.73 -31.32
C ASP A 167 -17.61 -9.04 -30.54
N GLY A 168 -16.81 -10.04 -30.90
CA GLY A 168 -16.91 -11.35 -30.25
C GLY A 168 -16.47 -11.40 -28.79
N TYR A 169 -15.90 -10.28 -28.28
CA TYR A 169 -15.31 -10.24 -26.94
C TYR A 169 -15.91 -9.16 -26.06
N ILE A 170 -17.05 -8.59 -26.46
CA ILE A 170 -17.77 -7.59 -25.65
C ILE A 170 -18.42 -8.37 -24.51
N SER A 171 -18.20 -7.91 -23.27
CA SER A 171 -18.76 -8.55 -22.08
C SER A 171 -18.72 -7.59 -20.91
N PHE A 172 -19.19 -8.03 -19.74
CA PHE A 172 -19.19 -7.20 -18.55
C PHE A 172 -17.75 -6.81 -18.12
N VAL A 173 -16.71 -7.54 -18.58
CA VAL A 173 -15.33 -7.14 -18.20
C VAL A 173 -14.62 -6.46 -19.41
N SER A 174 -15.37 -6.16 -20.48
CA SER A 174 -14.86 -5.59 -21.74
C SER A 174 -16.07 -5.04 -22.45
N GLN A 175 -16.77 -4.11 -21.82
CA GLN A 175 -18.12 -3.72 -22.18
C GLN A 175 -18.26 -2.78 -23.38
N PHE A 176 -17.20 -2.04 -23.73
CA PHE A 176 -17.25 -1.04 -24.78
C PHE A 176 -16.05 -1.13 -25.70
N LYS A 177 -16.18 -0.60 -26.94
CA LYS A 177 -15.11 -0.59 -27.92
C LYS A 177 -14.16 0.58 -27.62
N ILE A 178 -13.45 0.42 -26.49
CA ILE A 178 -12.45 1.39 -26.02
C ILE A 178 -11.18 0.61 -25.71
N PRO A 179 -10.01 1.25 -25.57
CA PRO A 179 -8.78 0.50 -25.24
C PRO A 179 -8.78 0.04 -23.79
N TYR A 180 -7.75 -0.76 -23.44
CA TYR A 180 -7.58 -1.34 -22.10
C TYR A 180 -7.36 -0.23 -21.04
N LEU A 181 -6.48 0.74 -21.33
CA LEU A 181 -6.33 1.98 -20.59
C LEU A 181 -6.88 3.02 -21.54
N TYR A 182 -8.03 3.61 -21.21
CA TYR A 182 -8.77 4.43 -22.15
C TYR A 182 -8.59 5.94 -21.96
N GLY A 183 -7.97 6.34 -20.85
CA GLY A 183 -7.56 7.73 -20.62
C GLY A 183 -8.64 8.78 -20.45
N LEU A 184 -9.84 8.36 -20.06
CA LEU A 184 -10.98 9.27 -19.84
C LEU A 184 -11.46 9.21 -18.40
N THR A 185 -12.10 10.32 -17.93
CA THR A 185 -12.81 10.27 -16.64
C THR A 185 -14.12 9.50 -16.91
N CYS A 186 -14.82 9.06 -15.85
CA CYS A 186 -16.10 8.38 -16.07
C CYS A 186 -17.10 9.31 -16.79
N GLY A 187 -17.08 10.62 -16.48
CA GLY A 187 -17.97 11.59 -17.14
C GLY A 187 -17.66 11.72 -18.62
N GLU A 188 -16.35 11.82 -18.98
CA GLU A 188 -15.95 11.88 -20.40
C GLU A 188 -16.32 10.60 -21.14
N LEU A 189 -16.13 9.42 -20.51
CA LEU A 189 -16.52 8.16 -21.12
C LEU A 189 -18.05 8.14 -21.40
N ALA A 190 -18.84 8.62 -20.43
CA ALA A 190 -20.31 8.69 -20.58
C ALA A 190 -20.66 9.55 -21.80
N LEU A 191 -20.01 10.72 -21.92
CA LEU A 191 -20.25 11.62 -23.05
C LEU A 191 -19.91 10.96 -24.38
N MSE A 192 -18.78 10.23 -24.42
CA MSE A 192 -18.39 9.51 -25.62
C MSE A 192 -19.40 8.40 -25.97
O MSE A 192 -19.74 8.24 -27.15
CB MSE A 192 -16.99 8.88 -25.45
CG MSE A 192 -16.63 8.10 -26.69
SE MSE A 192 -14.91 7.24 -26.50
CE MSE A 192 -13.93 8.69 -26.66
N LEU A 193 -19.80 7.59 -24.98
CA LEU A 193 -20.75 6.50 -25.25
C LEU A 193 -22.02 7.07 -25.86
N ASN A 194 -22.49 8.20 -25.34
CA ASN A 194 -23.70 8.83 -25.84
C ASN A 194 -23.49 9.43 -27.23
N GLY A 195 -22.43 10.22 -27.39
CA GLY A 195 -22.12 10.90 -28.66
C GLY A 195 -21.80 10.00 -29.83
N GLU A 196 -21.20 8.85 -29.55
CA GLU A 196 -20.78 7.95 -30.62
C GLU A 196 -21.81 6.83 -30.87
N GLN A 197 -23.02 6.93 -30.22
CA GLN A 197 -24.11 5.95 -30.36
CA GLN A 197 -24.11 5.95 -30.40
C GLN A 197 -23.61 4.53 -30.09
N MSE A 198 -22.78 4.40 -29.04
CA MSE A 198 -22.19 3.13 -28.67
C MSE A 198 -23.17 2.28 -27.87
O MSE A 198 -22.97 1.05 -27.76
CB MSE A 198 -20.89 3.39 -27.93
CG MSE A 198 -19.81 3.89 -28.88
SE MSE A 198 -18.25 4.63 -28.00
CE MSE A 198 -17.49 3.06 -27.38
N LEU A 199 -24.22 2.91 -27.31
CA LEU A 199 -25.27 2.20 -26.59
C LEU A 199 -26.50 2.03 -27.51
N SER A 200 -27.51 1.26 -27.08
CA SER A 200 -28.69 0.94 -27.90
C SER A 200 -29.53 2.16 -28.31
N LYS A 201 -29.57 3.20 -27.46
CA LYS A 201 -30.40 4.37 -27.69
C LYS A 201 -29.79 5.63 -27.08
N PRO A 202 -30.08 6.86 -27.63
CA PRO A 202 -29.56 8.09 -26.99
C PRO A 202 -30.11 8.28 -25.58
N CYS A 203 -29.27 8.78 -24.71
CA CYS A 203 -29.57 8.99 -23.32
C CYS A 203 -29.69 10.46 -22.97
N ASN A 204 -30.63 10.81 -22.07
CA ASN A 204 -30.72 12.16 -21.54
C ASN A 204 -29.66 12.20 -20.42
N LEU A 205 -28.44 12.57 -20.80
CA LEU A 205 -27.25 12.57 -19.95
C LEU A 205 -26.82 13.97 -19.53
N HIS A 206 -26.42 14.10 -18.26
CA HIS A 206 -25.81 15.34 -17.76
C HIS A 206 -24.60 14.94 -16.94
N VAL A 207 -23.45 15.55 -17.21
CA VAL A 207 -22.27 15.29 -16.38
C VAL A 207 -22.03 16.50 -15.52
N VAL A 208 -21.88 16.30 -14.20
CA VAL A 208 -21.49 17.36 -13.24
C VAL A 208 -19.96 17.36 -13.31
N LYS A 209 -19.42 18.34 -14.02
CA LYS A 209 -17.99 18.43 -14.29
C LYS A 209 -17.19 18.84 -13.05
N MSE A 210 -16.00 18.24 -12.88
CA MSE A 210 -15.08 18.64 -11.81
C MSE A 210 -14.51 20.02 -12.08
O MSE A 210 -14.50 20.49 -13.23
CB MSE A 210 -13.88 17.67 -11.74
CG MSE A 210 -14.28 16.28 -11.31
SE MSE A 210 -12.67 15.22 -11.13
CE MSE A 210 -12.39 14.78 -13.05
N LYS A 211 -13.98 20.65 -11.04
CA LYS A 211 -13.23 21.89 -11.13
C LYS A 211 -11.78 21.61 -10.77
N GLY A 212 -10.85 22.11 -11.58
CA GLY A 212 -9.44 22.01 -11.33
C GLY A 212 -8.72 20.74 -11.75
N TRP A 213 -9.43 19.66 -12.15
CA TRP A 213 -8.70 18.45 -12.53
C TRP A 213 -7.99 18.64 -13.87
N LYS A 214 -6.76 18.14 -13.97
CA LYS A 214 -5.96 18.25 -15.20
C LYS A 214 -5.54 16.87 -15.67
N ARG A 215 -5.43 16.67 -17.00
CA ARG A 215 -5.08 15.36 -17.58
C ARG A 215 -3.77 14.81 -17.03
N LYS A 216 -2.80 15.69 -16.71
CA LYS A 216 -1.48 15.31 -16.20
CA LYS A 216 -1.48 15.29 -16.21
C LYS A 216 -1.52 14.75 -14.77
N MSE A 217 -2.62 15.02 -14.02
CA MSE A 217 -2.74 14.62 -12.63
C MSE A 217 -2.98 13.15 -12.38
O MSE A 217 -3.97 12.61 -12.86
CB MSE A 217 -3.92 15.35 -11.97
CG MSE A 217 -3.61 16.74 -11.52
SE MSE A 217 -5.21 17.42 -10.64
CE MSE A 217 -4.61 19.32 -10.58
N ASP A 218 -2.14 12.54 -11.51
CA ASP A 218 -2.44 11.19 -11.01
C ASP A 218 -3.28 11.40 -9.74
N TYR A 219 -3.82 10.34 -9.13
CA TYR A 219 -4.72 10.55 -7.99
C TYR A 219 -4.07 11.29 -6.82
N VAL A 220 -2.81 10.94 -6.45
CA VAL A 220 -2.16 11.57 -5.29
CA VAL A 220 -2.19 11.58 -5.29
C VAL A 220 -2.10 13.10 -5.50
N GLN A 221 -1.87 13.57 -6.75
CA GLN A 221 -1.81 15.03 -7.05
C GLN A 221 -3.14 15.75 -6.78
N THR A 222 -4.28 15.05 -6.73
CA THR A 222 -5.56 15.70 -6.45
C THR A 222 -5.70 16.11 -4.98
N GLY A 223 -4.95 15.43 -4.10
CA GLY A 223 -4.99 15.68 -2.67
C GLY A 223 -6.11 14.94 -1.96
N LEU A 224 -6.95 14.20 -2.72
CA LEU A 224 -8.04 13.42 -2.10
C LEU A 224 -7.52 12.18 -1.41
N GLN A 225 -8.29 11.67 -0.45
CA GLN A 225 -8.06 10.38 0.16
C GLN A 225 -8.50 9.29 -0.82
N TRP A 226 -7.79 8.18 -0.84
CA TRP A 226 -8.17 7.04 -1.65
C TRP A 226 -8.86 6.01 -0.77
N ILE A 227 -10.07 5.65 -1.17
CA ILE A 227 -10.86 4.62 -0.48
CA ILE A 227 -10.91 4.63 -0.53
C ILE A 227 -10.69 3.34 -1.29
N PRO A 228 -10.35 2.19 -0.66
CA PRO A 228 -10.15 0.98 -1.50
C PRO A 228 -11.27 0.87 -2.55
N SER A 229 -10.92 0.96 -3.88
CA SER A 229 -11.94 0.97 -4.95
C SER A 229 -12.72 -0.34 -4.94
N SER A 230 -11.96 -1.41 -4.66
CA SER A 230 -12.32 -2.81 -4.42
C SER A 230 -11.25 -3.33 -3.43
N PRO A 231 -11.42 -4.49 -2.74
CA PRO A 231 -10.40 -4.90 -1.75
C PRO A 231 -8.96 -4.99 -2.27
N HIS A 232 -8.75 -5.47 -3.51
CA HIS A 232 -7.38 -5.62 -4.00
C HIS A 232 -6.79 -4.37 -4.70
N ILE A 233 -7.49 -3.19 -4.60
CA ILE A 233 -6.99 -1.90 -5.10
CA ILE A 233 -6.96 -1.92 -5.11
C ILE A 233 -6.97 -1.00 -3.86
N PRO A 234 -6.16 -1.36 -2.85
CA PRO A 234 -6.22 -0.62 -1.58
C PRO A 234 -5.66 0.79 -1.55
N HIS A 235 -4.70 1.09 -2.43
CA HIS A 235 -3.98 2.36 -2.42
C HIS A 235 -4.02 3.07 -3.79
N PRO A 236 -3.80 4.39 -3.87
CA PRO A 236 -3.83 5.03 -5.21
C PRO A 236 -2.80 4.44 -6.18
N HIS A 237 -1.61 4.06 -5.68
CA HIS A 237 -0.63 3.47 -6.59
C HIS A 237 -1.11 2.11 -7.11
N SER A 238 -2.02 1.40 -6.38
CA SER A 238 -2.50 0.07 -6.82
C SER A 238 -3.26 0.18 -8.17
N ALA A 239 -3.88 1.35 -8.46
CA ALA A 239 -4.60 1.56 -9.73
C ALA A 239 -3.61 1.49 -10.91
N PHE A 240 -2.34 1.93 -10.73
CA PHE A 240 -1.33 1.83 -11.79
C PHE A 240 -0.93 0.39 -12.02
N PHE A 241 -0.95 -0.44 -10.95
CA PHE A 241 -0.46 -1.81 -11.07
C PHE A 241 -1.52 -2.79 -11.53
N TYR A 242 -2.82 -2.48 -11.35
CA TYR A 242 -3.89 -3.39 -11.80
C TYR A 242 -3.69 -3.73 -13.32
N PRO A 243 -3.43 -2.76 -14.24
CA PRO A 243 -3.19 -3.12 -15.65
C PRO A 243 -1.81 -3.75 -15.91
N VAL A 244 -0.84 -3.63 -14.97
CA VAL A 244 0.50 -4.21 -15.15
C VAL A 244 0.42 -5.75 -15.13
N SER A 245 -0.41 -6.31 -14.26
CA SER A 245 -0.44 -7.75 -14.04
C SER A 245 -1.84 -8.39 -14.08
N GLY A 246 -2.87 -7.56 -14.16
CA GLY A 246 -4.26 -8.00 -14.07
C GLY A 246 -4.73 -8.97 -15.15
N ILE A 247 -4.18 -8.88 -16.38
CA ILE A 247 -4.63 -9.79 -17.46
C ILE A 247 -4.09 -11.18 -17.17
N LEU A 248 -2.77 -11.30 -16.94
CA LEU A 248 -2.19 -12.59 -16.56
C LEU A 248 -2.89 -13.13 -15.29
N GLY A 249 -3.26 -12.22 -14.40
CA GLY A 249 -3.94 -12.55 -13.14
C GLY A 249 -5.22 -13.33 -13.31
N GLU A 250 -5.91 -13.15 -14.45
CA GLU A 250 -7.15 -13.87 -14.72
C GLU A 250 -6.94 -15.38 -14.76
N LEU A 251 -5.71 -15.83 -15.04
CA LEU A 251 -5.46 -17.27 -15.14
C LEU A 251 -5.19 -17.97 -13.80
N GLY A 252 -4.77 -17.24 -12.75
CA GLY A 252 -4.41 -17.87 -11.47
C GLY A 252 -3.26 -18.84 -11.60
N TYR A 253 -2.33 -18.57 -12.54
CA TYR A 253 -1.19 -19.43 -12.84
C TYR A 253 0.00 -19.06 -11.98
N MSE A 254 0.42 -17.80 -12.05
CA MSE A 254 1.49 -17.24 -11.22
C MSE A 254 0.83 -16.39 -10.17
O MSE A 254 -0.28 -15.88 -10.39
CB MSE A 254 2.42 -16.36 -12.11
CG MSE A 254 3.31 -17.13 -13.07
SE MSE A 254 4.51 -15.91 -14.00
CE MSE A 254 5.96 -15.83 -12.62
N SER A 255 1.53 -16.15 -9.05
CA SER A 255 1.05 -15.16 -8.10
C SER A 255 1.33 -13.79 -8.66
N ILE A 256 0.34 -12.89 -8.61
CA ILE A 256 0.58 -11.51 -9.02
C ILE A 256 0.42 -10.61 -7.77
N GLY A 257 0.61 -11.20 -6.59
CA GLY A 257 0.50 -10.46 -5.34
C GLY A 257 -0.88 -10.47 -4.72
N VAL A 258 -1.91 -10.91 -5.47
CA VAL A 258 -3.24 -11.11 -4.90
C VAL A 258 -3.11 -12.37 -4.06
N GLY A 259 -3.24 -12.19 -2.76
CA GLY A 259 -2.96 -13.24 -1.80
C GLY A 259 -1.78 -12.84 -0.92
N TYR A 260 -1.13 -11.71 -1.26
CA TYR A 260 0.01 -11.20 -0.50
C TYR A 260 -0.27 -9.72 -0.20
N THR A 261 0.73 -8.96 0.27
CA THR A 261 0.47 -7.61 0.75
C THR A 261 0.78 -6.49 -0.25
N ILE A 262 1.21 -6.86 -1.47
CA ILE A 262 1.47 -5.89 -2.57
C ILE A 262 0.65 -6.36 -3.83
N PRO A 263 -0.69 -6.41 -3.75
CA PRO A 263 -1.48 -6.93 -4.87
C PRO A 263 -1.25 -6.17 -6.16
N PHE A 264 -1.00 -6.97 -7.24
CA PHE A 264 -0.76 -6.55 -8.62
C PHE A 264 0.66 -6.01 -8.85
N GLN A 265 1.52 -5.90 -7.79
CA GLN A 265 2.84 -5.26 -7.96
C GLN A 265 3.97 -6.22 -8.16
N MSE A 266 3.66 -7.49 -8.41
CA MSE A 266 4.71 -8.50 -8.48
C MSE A 266 4.28 -9.69 -9.33
O MSE A 266 3.12 -9.81 -9.66
CB MSE A 266 4.99 -8.98 -7.05
CG MSE A 266 3.72 -9.32 -6.31
SE MSE A 266 4.04 -10.50 -4.82
CE MSE A 266 4.35 -12.10 -5.87
N PHE A 267 5.25 -10.58 -9.60
CA PHE A 267 5.02 -11.84 -10.34
C PHE A 267 5.87 -12.90 -9.70
N ALA A 268 5.28 -14.03 -9.32
CA ALA A 268 6.09 -15.08 -8.68
C ALA A 268 5.52 -16.47 -8.89
N ALA A 269 6.37 -17.48 -8.72
CA ALA A 269 5.93 -18.87 -8.79
C ALA A 269 6.93 -19.75 -8.06
N ARG A 270 6.56 -21.00 -7.75
CA ARG A 270 7.45 -21.81 -6.94
C ARG A 270 8.69 -22.31 -7.70
N TRP A 271 8.63 -22.32 -9.03
CA TRP A 271 9.67 -22.86 -9.90
C TRP A 271 10.59 -21.76 -10.46
N VAL A 272 10.45 -20.51 -10.02
CA VAL A 272 11.31 -19.41 -10.50
C VAL A 272 12.56 -19.24 -9.60
N GLU A 273 13.67 -18.78 -10.21
CA GLU A 273 14.88 -18.33 -9.53
C GLU A 273 14.83 -16.79 -9.65
N ALA A 274 14.48 -16.11 -8.56
CA ALA A 274 14.26 -14.66 -8.50
C ALA A 274 15.36 -13.83 -9.17
N GLU A 275 16.64 -14.08 -8.83
CA GLU A 275 17.73 -13.25 -9.35
C GLU A 275 17.86 -13.37 -10.87
N LYS A 276 17.59 -14.57 -11.44
CA LYS A 276 17.66 -14.79 -12.90
C LYS A 276 16.54 -14.06 -13.59
N LEU A 277 15.33 -14.15 -13.04
CA LEU A 277 14.20 -13.47 -13.66
C LEU A 277 14.40 -11.93 -13.63
N ALA A 278 14.87 -11.39 -12.48
CA ALA A 278 15.08 -9.95 -12.37
C ALA A 278 16.16 -9.48 -13.35
N ASP A 279 17.29 -10.24 -13.43
CA ASP A 279 18.38 -9.86 -14.34
C ASP A 279 17.90 -9.83 -15.80
N ASN A 280 17.17 -10.88 -16.24
CA ASN A 280 16.66 -10.95 -17.61
C ASN A 280 15.67 -9.83 -17.90
N LEU A 281 14.81 -9.49 -16.93
CA LEU A 281 13.85 -8.41 -17.16
C LEU A 281 14.53 -7.05 -17.16
N ASN A 282 15.51 -6.82 -16.28
CA ASN A 282 16.16 -5.51 -16.26
C ASN A 282 16.98 -5.30 -17.53
N ARG A 283 17.46 -6.39 -18.17
CA ARG A 283 18.20 -6.30 -19.44
C ARG A 283 17.33 -5.76 -20.59
N LEU A 284 15.99 -5.77 -20.42
CA LEU A 284 15.07 -5.23 -21.43
C LEU A 284 15.06 -3.71 -21.45
N HIS A 285 15.52 -3.07 -20.36
CA HIS A 285 15.57 -1.62 -20.19
C HIS A 285 14.22 -0.97 -20.51
N LEU A 286 13.14 -1.52 -19.93
CA LEU A 286 11.81 -0.92 -20.11
C LEU A 286 11.78 0.46 -19.44
N PRO A 287 11.41 1.52 -20.17
CA PRO A 287 11.42 2.86 -19.58
C PRO A 287 10.55 2.97 -18.34
N GLY A 288 11.13 3.60 -17.31
CA GLY A 288 10.48 3.89 -16.03
C GLY A 288 10.25 2.72 -15.09
N VAL A 289 10.86 1.54 -15.38
CA VAL A 289 10.62 0.31 -14.59
CA VAL A 289 10.62 0.37 -14.51
C VAL A 289 11.94 -0.28 -14.09
N ILE A 290 11.94 -0.84 -12.86
CA ILE A 290 13.06 -1.59 -12.32
C ILE A 290 12.46 -2.85 -11.70
N PHE A 291 13.00 -4.02 -12.04
CA PHE A 291 12.53 -5.27 -11.47
C PHE A 291 13.46 -5.65 -10.34
N ARG A 292 12.89 -6.09 -9.21
CA ARG A 292 13.68 -6.41 -8.03
C ARG A 292 13.40 -7.87 -7.61
N PRO A 293 14.43 -8.69 -7.37
CA PRO A 293 14.15 -10.09 -7.01
C PRO A 293 13.50 -10.17 -5.65
N MSE A 294 12.57 -11.13 -5.49
CA MSE A 294 11.88 -11.28 -4.22
C MSE A 294 11.55 -12.73 -3.91
O MSE A 294 11.40 -13.58 -4.82
CB MSE A 294 10.59 -10.41 -4.18
CG MSE A 294 9.49 -10.96 -5.00
SE MSE A 294 7.92 -9.80 -4.83
CE MSE A 294 7.63 -9.87 -2.89
N HIS A 295 11.47 -13.01 -2.60
CA HIS A 295 11.08 -14.30 -2.02
C HIS A 295 9.88 -14.03 -1.14
N LEU A 296 8.83 -14.80 -1.26
CA LEU A 296 7.62 -14.57 -0.45
C LEU A 296 6.85 -15.85 -0.23
N LYS A 297 5.94 -15.80 0.74
CA LYS A 297 5.03 -16.89 1.02
C LYS A 297 3.62 -16.28 1.07
N PRO A 298 2.78 -16.47 0.04
CA PRO A 298 1.42 -15.88 0.07
C PRO A 298 0.61 -16.38 1.26
N PHE A 299 -0.26 -15.51 1.76
CA PHE A 299 -1.14 -15.83 2.89
C PHE A 299 -2.42 -16.51 2.45
N TYR A 300 -2.86 -16.23 1.21
CA TYR A 300 -4.08 -16.79 0.63
C TYR A 300 -3.98 -16.78 -0.90
N SER A 301 -5.04 -17.24 -1.57
CA SER A 301 -5.17 -17.27 -3.03
C SER A 301 -3.98 -18.06 -3.66
N VAL A 302 -3.43 -17.58 -4.78
CA VAL A 302 -2.41 -18.30 -5.55
C VAL A 302 -1.12 -18.54 -4.73
N GLY A 303 -0.70 -19.81 -4.65
CA GLY A 303 0.52 -20.20 -3.96
C GLY A 303 0.46 -20.07 -2.46
N LYS A 304 -0.77 -20.02 -1.90
CA LYS A 304 -1.03 -19.93 -0.46
C LYS A 304 -0.10 -20.88 0.30
N GLU A 305 0.67 -20.32 1.25
CA GLU A 305 1.55 -21.02 2.18
C GLU A 305 2.68 -21.83 1.49
N GLU A 306 3.03 -21.45 0.25
CA GLU A 306 4.16 -22.02 -0.50
C GLU A 306 5.24 -20.98 -0.63
N HIS A 307 6.52 -21.40 -0.65
CA HIS A 307 7.62 -20.46 -0.83
C HIS A 307 7.75 -20.19 -2.34
N LEU A 308 7.49 -18.95 -2.73
CA LEU A 308 7.56 -18.51 -4.13
C LEU A 308 8.72 -17.55 -4.33
N GLN A 309 9.17 -17.45 -5.58
CA GLN A 309 10.22 -16.52 -5.98
C GLN A 309 9.75 -15.75 -7.18
N GLY A 310 10.21 -14.53 -7.32
CA GLY A 310 9.83 -13.77 -8.48
C GLY A 310 10.39 -12.38 -8.45
N VAL A 311 9.61 -11.43 -8.98
CA VAL A 311 10.03 -10.05 -9.01
C VAL A 311 8.97 -9.11 -8.51
N GLN A 312 9.43 -8.04 -7.86
CA GLN A 312 8.56 -6.91 -7.57
C GLN A 312 8.78 -5.93 -8.73
N VAL A 313 7.70 -5.37 -9.27
CA VAL A 313 7.79 -4.38 -10.33
C VAL A 313 7.81 -3.01 -9.66
N HIS A 314 8.93 -2.29 -9.74
CA HIS A 314 8.99 -0.95 -9.17
C HIS A 314 8.89 0.07 -10.29
N ILE A 315 7.88 0.93 -10.22
CA ILE A 315 7.72 1.96 -11.25
C ILE A 315 8.38 3.21 -10.71
N VAL A 316 9.54 3.53 -11.29
CA VAL A 316 10.35 4.66 -10.84
C VAL A 316 9.99 5.95 -11.61
N ASP A 317 9.25 5.82 -12.74
CA ASP A 317 8.77 6.96 -13.54
C ASP A 317 7.44 6.60 -14.21
N PHE A 318 6.33 6.99 -13.56
CA PHE A 318 4.97 6.67 -13.98
C PHE A 318 4.62 7.28 -15.34
N ASN A 319 5.16 8.46 -15.68
CA ASN A 319 4.92 9.11 -16.97
C ASN A 319 5.59 8.35 -18.11
N LYS A 320 6.77 7.76 -17.89
CA LYS A 320 7.51 7.02 -18.92
C LYS A 320 7.04 5.60 -19.12
N ALA A 321 6.50 4.97 -18.06
CA ALA A 321 6.17 3.57 -18.14
C ALA A 321 4.95 3.22 -18.98
N SER A 322 5.12 2.16 -19.77
CA SER A 322 4.04 1.52 -20.55
CA SER A 322 4.07 1.52 -20.55
C SER A 322 3.62 0.37 -19.67
N LEU A 323 2.45 0.52 -19.01
CA LEU A 323 2.01 -0.42 -17.98
C LEU A 323 1.58 -1.79 -18.40
N SER A 324 0.55 -1.90 -19.24
CA SER A 324 -0.08 -3.18 -19.56
C SER A 324 0.83 -4.20 -20.27
N GLU A 325 1.88 -3.73 -20.98
N GLU A 325 1.89 -3.74 -20.95
CA GLU A 325 2.79 -4.66 -21.66
CA GLU A 325 2.82 -4.64 -21.62
C GLU A 325 3.72 -5.40 -20.68
C GLU A 325 3.66 -5.44 -20.65
N ILE A 326 3.86 -4.90 -19.44
CA ILE A 326 4.78 -5.51 -18.44
C ILE A 326 4.49 -7.00 -18.21
N GLN A 327 3.23 -7.40 -17.98
CA GLN A 327 2.96 -8.85 -17.75
C GLN A 327 3.43 -9.67 -18.95
N PHE A 328 3.31 -9.12 -20.18
CA PHE A 328 3.72 -9.92 -21.35
C PHE A 328 5.23 -10.06 -21.42
N TYR A 329 5.99 -9.03 -21.04
CA TYR A 329 7.45 -9.18 -20.99
C TYR A 329 7.83 -10.17 -19.89
N VAL A 330 7.10 -10.15 -18.74
CA VAL A 330 7.38 -11.11 -17.67
C VAL A 330 7.11 -12.54 -18.16
N MSE A 331 5.94 -12.76 -18.81
CA MSE A 331 5.60 -14.08 -19.37
C MSE A 331 6.68 -14.53 -20.38
O MSE A 331 7.13 -15.68 -20.35
CB MSE A 331 4.21 -14.01 -20.04
CG MSE A 331 3.10 -13.79 -19.01
SE MSE A 331 1.55 -12.92 -19.85
CE MSE A 331 0.92 -14.49 -20.65
N GLN A 332 7.17 -13.59 -21.19
CA GLN A 332 8.19 -13.89 -22.20
C GLN A 332 9.50 -14.34 -21.53
N GLU A 333 9.99 -13.56 -20.57
CA GLU A 333 11.26 -13.87 -19.92
C GLU A 333 11.18 -15.08 -19.01
N VAL A 334 10.01 -15.32 -18.32
CA VAL A 334 9.79 -16.50 -17.46
CA VAL A 334 9.88 -16.52 -17.46
C VAL A 334 9.87 -17.77 -18.33
N THR A 335 9.24 -17.69 -19.50
CA THR A 335 9.19 -18.83 -20.41
C THR A 335 10.58 -19.09 -21.01
N ALA A 336 11.36 -18.04 -21.34
CA ALA A 336 12.71 -18.24 -21.90
C ALA A 336 13.58 -18.95 -20.85
N LEU A 337 13.37 -18.62 -19.57
CA LEU A 337 14.13 -19.27 -18.51
C LEU A 337 13.63 -20.67 -18.17
N TYR A 338 12.30 -20.89 -18.24
CA TYR A 338 11.64 -22.16 -17.89
C TYR A 338 10.71 -22.56 -19.03
N PRO A 339 11.28 -23.05 -20.16
CA PRO A 339 10.48 -23.29 -21.37
C PRO A 339 9.36 -24.30 -21.22
N ASP A 340 9.46 -25.20 -20.22
CA ASP A 340 8.44 -26.19 -19.95
C ASP A 340 7.35 -25.65 -18.98
N ARG A 341 7.33 -24.32 -18.76
CA ARG A 341 6.35 -23.68 -17.86
C ARG A 341 5.54 -22.61 -18.62
N ALA A 342 5.54 -22.63 -19.97
CA ALA A 342 4.81 -21.64 -20.79
C ALA A 342 3.37 -21.52 -20.32
N VAL A 343 2.92 -20.29 -20.12
CA VAL A 343 1.59 -19.97 -19.58
C VAL A 343 0.46 -20.74 -20.31
N PHE A 344 0.35 -20.62 -21.64
CA PHE A 344 -0.80 -21.25 -22.30
C PHE A 344 -0.58 -22.76 -22.54
N ASP A 345 0.56 -23.31 -22.08
CA ASP A 345 0.77 -24.76 -22.09
C ASP A 345 0.31 -25.37 -20.78
N HIS A 346 0.36 -24.59 -19.67
CA HIS A 346 0.10 -25.17 -18.34
C HIS A 346 -0.96 -24.48 -17.49
N ALA A 347 -1.37 -23.26 -17.85
CA ALA A 347 -2.41 -22.58 -17.06
C ALA A 347 -3.77 -23.27 -17.28
N ASP A 348 -4.73 -23.00 -16.39
CA ASP A 348 -6.06 -23.60 -16.42
C ASP A 348 -6.79 -23.20 -17.73
N LYS A 349 -6.99 -24.17 -18.65
CA LYS A 349 -7.65 -23.92 -19.96
C LYS A 349 -9.05 -23.33 -19.80
N GLU A 350 -9.71 -23.59 -18.67
CA GLU A 350 -11.07 -23.09 -18.40
C GLU A 350 -11.07 -21.57 -18.16
N ARG A 351 -9.88 -20.97 -17.98
CA ARG A 351 -9.73 -19.53 -17.75
C ARG A 351 -9.29 -18.78 -19.02
N PHE A 352 -9.04 -19.50 -20.14
CA PHE A 352 -8.55 -18.82 -21.34
C PHE A 352 -9.58 -17.89 -21.94
N HIS A 353 -10.87 -18.25 -21.90
CA HIS A 353 -11.91 -17.38 -22.46
C HIS A 353 -11.96 -16.07 -21.69
N MSE A 354 -11.82 -16.13 -20.35
CA MSE A 354 -11.80 -14.92 -19.51
C MSE A 354 -10.58 -14.05 -19.86
O MSE A 354 -10.71 -12.82 -19.93
CB MSE A 354 -11.80 -15.28 -18.00
CG MSE A 354 -11.93 -14.07 -17.09
SE MSE A 354 -13.53 -12.94 -17.41
CE MSE A 354 -14.92 -14.21 -17.13
N PHE A 355 -9.42 -14.67 -20.11
CA PHE A 355 -8.23 -13.92 -20.53
C PHE A 355 -8.52 -13.18 -21.85
N ASP A 356 -9.16 -13.88 -22.80
CA ASP A 356 -9.49 -13.27 -24.10
C ASP A 356 -10.46 -12.11 -23.95
N LEU A 357 -11.47 -12.25 -23.07
CA LEU A 357 -12.46 -11.18 -22.83
C LEU A 357 -11.78 -9.94 -22.25
N VAL A 358 -10.97 -10.13 -21.21
CA VAL A 358 -10.30 -8.99 -20.60
C VAL A 358 -9.36 -8.29 -21.61
N SER A 359 -8.70 -9.07 -22.48
CA SER A 359 -7.82 -8.55 -23.54
C SER A 359 -8.60 -7.90 -24.69
N GLY A 360 -9.91 -8.17 -24.76
CA GLY A 360 -10.80 -7.66 -25.80
C GLY A 360 -10.69 -8.36 -27.15
N SER A 361 -9.93 -9.45 -27.19
CA SER A 361 -9.67 -10.21 -28.43
C SER A 361 -8.97 -11.52 -28.11
N LYS A 362 -9.25 -12.60 -28.87
CA LYS A 362 -8.51 -13.86 -28.68
C LYS A 362 -7.12 -13.74 -29.35
N GLU A 363 -6.89 -12.68 -30.14
CA GLU A 363 -5.61 -12.48 -30.85
C GLU A 363 -4.43 -12.29 -29.92
N ILE A 364 -4.67 -11.72 -28.73
CA ILE A 364 -3.57 -11.46 -27.80
C ILE A 364 -2.99 -12.81 -27.32
N ARG A 365 -3.85 -13.71 -26.85
CA ARG A 365 -3.40 -15.04 -26.41
C ARG A 365 -2.85 -15.85 -27.60
N GLU A 366 -3.57 -15.87 -28.72
CA GLU A 366 -3.16 -16.69 -29.88
C GLU A 366 -1.82 -16.23 -30.44
N ARG A 367 -1.60 -14.92 -30.60
CA ARG A 367 -0.32 -14.43 -31.11
C ARG A 367 0.81 -14.64 -30.08
N PHE A 368 0.50 -14.42 -28.80
CA PHE A 368 1.53 -14.63 -27.77
C PHE A 368 1.91 -16.09 -27.67
N SER A 369 0.94 -17.00 -27.81
CA SER A 369 1.14 -18.45 -27.67
C SER A 369 2.03 -19.06 -28.75
N GLN A 370 2.23 -18.38 -29.89
CA GLN A 370 3.07 -18.94 -30.99
C GLN A 370 4.49 -19.27 -30.52
N ARG A 371 5.19 -18.30 -29.90
CA ARG A 371 6.55 -18.56 -29.39
C ARG A 371 6.80 -17.75 -28.11
N ASN A 372 5.73 -17.29 -27.44
CA ASN A 372 5.79 -16.59 -26.16
C ASN A 372 6.67 -15.34 -26.27
N ARG A 373 6.46 -14.57 -27.36
CA ARG A 373 7.22 -13.33 -27.60
C ARG A 373 6.25 -12.15 -27.72
N TRP A 374 6.46 -11.11 -26.90
CA TRP A 374 5.62 -9.92 -26.97
C TRP A 374 5.67 -9.25 -28.34
N GLU A 375 6.84 -9.31 -29.05
CA GLU A 375 6.97 -8.66 -30.37
C GLU A 375 5.90 -9.14 -31.38
N ASP A 376 5.37 -10.38 -31.21
CA ASP A 376 4.36 -10.93 -32.10
C ASP A 376 2.96 -10.37 -31.80
N VAL A 377 2.82 -9.60 -30.70
CA VAL A 377 1.53 -9.03 -30.26
C VAL A 377 1.54 -7.50 -30.23
N ARG A 378 2.71 -6.93 -30.00
CA ARG A 378 2.88 -5.49 -29.78
C ARG A 378 2.12 -4.60 -30.80
N ASP A 379 2.28 -4.87 -32.11
CA ASP A 379 1.58 -4.04 -33.10
C ASP A 379 0.05 -4.06 -32.89
N TYR A 380 -0.52 -5.23 -32.59
CA TYR A 380 -1.96 -5.37 -32.35
C TYR A 380 -2.38 -4.56 -31.12
N TRP A 381 -1.53 -4.59 -30.07
CA TRP A 381 -1.82 -3.87 -28.81
C TRP A 381 -1.83 -2.35 -28.98
N TYR A 382 -1.05 -1.80 -29.94
CA TYR A 382 -0.88 -0.37 -30.18
CA TYR A 382 -1.01 -0.35 -30.09
C TYR A 382 -1.71 0.18 -31.36
N LYS A 383 -2.30 -0.70 -32.16
CA LYS A 383 -2.98 -0.31 -33.41
C LYS A 383 -4.07 0.78 -33.29
N ASP A 384 -4.79 0.83 -32.16
CA ASP A 384 -5.94 1.71 -32.03
C ASP A 384 -5.69 2.97 -31.23
N VAL A 385 -4.48 3.12 -30.64
CA VAL A 385 -4.19 4.27 -29.78
C VAL A 385 -4.37 5.62 -30.50
N ASP A 386 -3.74 5.83 -31.66
CA ASP A 386 -3.85 7.13 -32.35
C ASP A 386 -5.31 7.49 -32.72
N ASP A 387 -6.07 6.52 -33.27
CA ASP A 387 -7.49 6.73 -33.61
C ASP A 387 -8.31 7.05 -32.35
N PHE A 388 -8.06 6.33 -31.25
CA PHE A 388 -8.82 6.57 -30.02
C PHE A 388 -8.50 7.92 -29.43
N ARG A 389 -7.22 8.35 -29.47
CA ARG A 389 -6.86 9.66 -28.94
CA ARG A 389 -6.83 9.65 -28.95
C ARG A 389 -7.60 10.74 -29.73
N ARG A 390 -7.63 10.59 -31.07
CA ARG A 390 -8.32 11.57 -31.94
C ARG A 390 -9.82 11.62 -31.60
N LEU A 391 -10.46 10.45 -31.43
CA LEU A 391 -11.88 10.37 -31.10
C LEU A 391 -12.14 11.01 -29.71
N SER A 392 -11.25 10.74 -28.72
CA SER A 392 -11.34 11.30 -27.33
C SER A 392 -11.34 12.81 -27.26
N GLN A 393 -10.61 13.47 -28.18
CA GLN A 393 -10.54 14.93 -28.22
C GLN A 393 -11.92 15.59 -28.38
N LYS A 394 -12.86 14.90 -29.03
CA LYS A 394 -14.24 15.39 -29.19
C LYS A 394 -14.98 15.44 -27.85
N TYR A 395 -14.53 14.63 -26.86
CA TYR A 395 -15.28 14.50 -25.59
C TYR A 395 -14.55 15.00 -24.34
N TYR A 396 -13.24 15.32 -24.43
CA TYR A 396 -12.52 15.81 -23.27
C TYR A 396 -13.21 17.00 -22.62
N LEU A 397 -13.29 16.97 -21.29
CA LEU A 397 -13.85 18.06 -20.49
C LEU A 397 -12.73 18.87 -19.83
N TYR A 398 -11.53 18.28 -19.73
CA TYR A 398 -10.43 18.87 -18.98
C TYR A 398 -9.17 18.94 -19.80
N LYS A 399 -8.37 19.99 -19.56
CA LYS A 399 -7.08 20.17 -20.24
C LYS A 399 -5.94 19.59 -19.37
N PRO B 9 14.61 15.58 -9.55
CA PRO B 9 14.27 14.18 -9.88
C PRO B 9 13.22 13.64 -8.91
N ARG B 10 12.73 12.41 -9.15
CA ARG B 10 11.76 11.80 -8.24
C ARG B 10 12.42 11.52 -6.87
N ILE B 11 13.69 11.04 -6.88
CA ILE B 11 14.42 10.77 -5.62
C ILE B 11 15.05 12.08 -5.12
N ARG B 12 14.59 12.57 -3.96
CA ARG B 12 14.95 13.90 -3.40
C ARG B 12 16.15 13.91 -2.43
N ILE B 13 16.71 12.74 -2.14
CA ILE B 13 17.82 12.68 -1.18
C ILE B 13 18.89 11.77 -1.73
N LYS B 14 20.04 11.73 -1.04
CA LYS B 14 21.09 10.75 -1.32
C LYS B 14 21.22 9.94 -0.06
N THR B 15 20.88 8.65 -0.13
CA THR B 15 21.05 7.74 1.01
C THR B 15 22.54 7.57 1.28
N GLY B 16 22.86 6.93 2.41
CA GLY B 16 24.25 6.66 2.75
C GLY B 16 24.95 5.83 1.67
N ILE B 17 24.27 4.82 1.07
CA ILE B 17 24.91 4.04 0.00
C ILE B 17 25.18 4.92 -1.23
N GLU B 18 24.25 5.84 -1.58
CA GLU B 18 24.49 6.76 -2.71
C GLU B 18 25.67 7.70 -2.42
N VAL B 19 25.80 8.20 -1.17
CA VAL B 19 26.91 9.09 -0.80
C VAL B 19 28.22 8.29 -0.86
N LEU B 20 28.19 7.05 -0.35
CA LEU B 20 29.39 6.20 -0.36
C LEU B 20 29.88 5.98 -1.80
N LYS B 21 28.94 5.71 -2.73
CA LYS B 21 29.27 5.54 -4.15
C LYS B 21 29.87 6.83 -4.71
N GLU B 22 29.23 7.99 -4.41
CA GLU B 22 29.75 9.30 -4.87
C GLU B 22 31.15 9.58 -4.41
N GLN B 23 31.48 9.10 -3.20
CA GLN B 23 32.80 9.27 -2.57
C GLN B 23 33.79 8.18 -3.03
N ASN B 24 33.38 7.36 -4.00
CA ASN B 24 34.17 6.27 -4.55
C ASN B 24 34.70 5.35 -3.44
N PHE B 25 33.86 5.11 -2.38
CA PHE B 25 34.16 4.18 -1.27
C PHE B 25 35.47 4.53 -0.54
N LYS B 26 35.85 5.81 -0.53
CA LYS B 26 37.12 6.24 0.06
C LYS B 26 37.29 5.72 1.51
N CYS B 27 36.22 5.75 2.33
CA CYS B 27 36.35 5.31 3.73
C CYS B 27 36.52 3.77 3.87
N LEU B 28 36.40 3.01 2.78
CA LEU B 28 36.60 1.54 2.84
C LEU B 28 37.94 1.12 2.26
N GLU B 29 38.70 2.03 1.65
CA GLU B 29 39.96 1.67 1.02
C GLU B 29 40.99 1.14 2.02
N GLY B 30 41.71 0.11 1.61
CA GLY B 30 42.76 -0.51 2.42
C GLY B 30 42.26 -1.23 3.65
N LYS B 31 41.00 -1.70 3.59
CA LYS B 31 40.37 -2.40 4.72
C LYS B 31 39.70 -3.65 4.26
N ARG B 32 39.73 -4.69 5.11
CA ARG B 32 38.98 -5.93 4.87
C ARG B 32 37.57 -5.64 5.35
N VAL B 33 36.61 -5.70 4.43
CA VAL B 33 35.24 -5.27 4.74
C VAL B 33 34.29 -6.43 4.96
N GLY B 34 33.49 -6.31 6.02
CA GLY B 34 32.36 -7.17 6.32
C GLY B 34 31.10 -6.35 6.15
N LEU B 35 30.01 -6.96 5.63
CA LEU B 35 28.77 -6.21 5.37
C LEU B 35 27.57 -6.87 6.02
N ILE B 36 26.86 -6.09 6.84
CA ILE B 36 25.60 -6.48 7.48
C ILE B 36 24.49 -5.87 6.66
N THR B 37 23.66 -6.69 6.02
CA THR B 37 22.60 -6.13 5.23
C THR B 37 21.47 -7.13 5.06
N ASN B 38 20.42 -6.70 4.34
CA ASN B 38 19.30 -7.56 4.01
C ASN B 38 18.72 -7.00 2.69
N PRO B 39 17.59 -7.51 2.13
CA PRO B 39 17.09 -7.01 0.84
C PRO B 39 16.76 -5.50 0.78
N THR B 40 16.66 -4.81 1.93
CA THR B 40 16.41 -3.38 1.89
C THR B 40 17.67 -2.56 1.60
N GLY B 41 18.84 -3.17 1.70
CA GLY B 41 20.12 -2.48 1.51
C GLY B 41 20.42 -2.37 0.03
N VAL B 42 19.72 -1.45 -0.64
CA VAL B 42 19.86 -1.25 -2.09
C VAL B 42 20.09 0.22 -2.39
N ASP B 43 20.63 0.50 -3.58
CA ASP B 43 20.82 1.90 -4.01
C ASP B 43 19.59 2.41 -4.80
N ASN B 44 19.72 3.55 -5.49
CA ASN B 44 18.60 4.15 -6.23
C ASN B 44 18.13 3.26 -7.39
N HIS B 45 18.98 2.35 -7.86
CA HIS B 45 18.69 1.45 -8.98
C HIS B 45 18.23 0.09 -8.50
N LEU B 46 18.00 -0.04 -7.16
CA LEU B 46 17.55 -1.26 -6.49
C LEU B 46 18.58 -2.42 -6.62
N ILE B 47 19.87 -2.02 -6.75
CA ILE B 47 20.97 -2.97 -6.75
CA ILE B 47 21.00 -2.94 -6.76
C ILE B 47 21.45 -3.10 -5.30
N SER B 48 21.67 -4.33 -4.85
CA SER B 48 22.15 -4.62 -3.49
C SER B 48 23.53 -4.02 -3.20
N THR B 49 23.70 -3.46 -1.98
CA THR B 49 24.98 -2.97 -1.48
C THR B 49 26.03 -4.11 -1.56
N ILE B 50 25.58 -5.39 -1.48
CA ILE B 50 26.50 -6.54 -1.63
C ILE B 50 27.22 -6.46 -2.98
N ASP B 51 26.44 -6.32 -4.05
CA ASP B 51 26.97 -6.35 -5.40
C ASP B 51 27.73 -5.09 -5.71
N ILE B 52 27.30 -3.93 -5.17
CA ILE B 52 28.00 -2.66 -5.36
C ILE B 52 29.43 -2.76 -4.78
N LEU B 53 29.55 -3.27 -3.54
CA LEU B 53 30.87 -3.39 -2.91
C LEU B 53 31.70 -4.52 -3.51
N HIS B 54 31.06 -5.65 -3.88
CA HIS B 54 31.81 -6.76 -4.48
C HIS B 54 32.42 -6.34 -5.82
N GLU B 55 31.69 -5.56 -6.62
CA GLU B 55 32.15 -5.14 -7.94
C GLU B 55 33.14 -3.98 -7.89
N ALA B 56 33.13 -3.17 -6.81
CA ALA B 56 34.03 -2.03 -6.67
C ALA B 56 35.51 -2.50 -6.59
N PRO B 57 36.38 -2.08 -7.54
CA PRO B 57 37.77 -2.60 -7.56
C PRO B 57 38.62 -2.22 -6.35
N ASN B 58 38.26 -1.12 -5.66
CA ASN B 58 39.01 -0.61 -4.50
C ASN B 58 38.36 -1.02 -3.16
N VAL B 59 37.41 -1.97 -3.18
CA VAL B 59 36.78 -2.46 -1.96
C VAL B 59 37.09 -3.94 -1.82
N ASN B 60 37.70 -4.31 -0.70
CA ASN B 60 38.01 -5.71 -0.43
C ASN B 60 36.89 -6.29 0.45
N LEU B 61 35.74 -6.64 -0.18
CA LEU B 61 34.60 -7.21 0.54
C LEU B 61 34.87 -8.71 0.79
N VAL B 62 34.93 -9.10 2.07
CA VAL B 62 35.36 -10.48 2.39
C VAL B 62 34.29 -11.34 3.09
N ALA B 63 33.25 -10.74 3.68
CA ALA B 63 32.25 -11.52 4.42
C ALA B 63 30.94 -10.79 4.49
N LEU B 64 29.85 -11.56 4.56
CA LEU B 64 28.48 -11.03 4.66
C LEU B 64 27.84 -11.54 5.93
N TYR B 65 26.98 -10.72 6.54
CA TYR B 65 26.30 -11.04 7.81
C TYR B 65 24.83 -10.74 7.66
N GLY B 66 24.01 -11.77 7.80
CA GLY B 66 22.58 -11.55 7.60
C GLY B 66 21.66 -12.02 8.69
N PRO B 67 20.39 -11.56 8.61
CA PRO B 67 19.36 -12.02 9.57
C PRO B 67 18.88 -13.44 9.24
N GLU B 68 17.80 -13.90 9.94
CA GLU B 68 17.21 -15.25 9.79
C GLU B 68 16.81 -15.56 8.34
N HIS B 69 16.27 -14.55 7.60
CA HIS B 69 15.88 -14.72 6.18
C HIS B 69 17.07 -14.48 5.24
N GLY B 70 18.22 -14.14 5.81
CA GLY B 70 19.45 -14.00 5.04
C GLY B 70 19.69 -12.68 4.36
N VAL B 71 20.94 -12.47 3.91
CA VAL B 71 21.33 -11.22 3.26
C VAL B 71 20.51 -11.01 1.97
N ARG B 72 20.09 -12.11 1.30
CA ARG B 72 19.33 -12.02 0.05
C ARG B 72 17.83 -12.26 0.26
N GLY B 73 17.42 -12.56 1.50
CA GLY B 73 16.02 -12.82 1.84
C GLY B 73 15.52 -14.18 1.40
N ASP B 74 16.43 -15.11 1.07
CA ASP B 74 16.11 -16.44 0.53
C ASP B 74 16.24 -17.62 1.55
N VAL B 75 16.53 -17.33 2.83
CA VAL B 75 16.67 -18.39 3.84
C VAL B 75 15.31 -18.60 4.55
N HIS B 76 14.75 -19.82 4.44
CA HIS B 76 13.45 -20.15 5.04
C HIS B 76 13.56 -20.38 6.55
N ALA B 84 28.01 -21.69 4.93
CA ALA B 84 27.14 -21.12 3.90
C ALA B 84 27.85 -20.03 3.11
N ASN B 85 27.58 -19.98 1.78
CA ASN B 85 28.19 -19.00 0.87
C ASN B 85 27.16 -18.37 -0.04
N ASP B 86 27.41 -17.11 -0.41
CA ASP B 86 26.53 -16.41 -1.34
C ASP B 86 26.88 -16.89 -2.76
N SER B 87 25.93 -17.52 -3.47
CA SER B 87 26.26 -18.11 -4.78
C SER B 87 26.76 -17.13 -5.84
N SER B 88 26.19 -15.90 -5.92
CA SER B 88 26.59 -14.90 -6.93
CA SER B 88 26.60 -14.92 -6.94
C SER B 88 27.99 -14.31 -6.68
N THR B 89 28.40 -14.14 -5.41
CA THR B 89 29.70 -13.52 -5.15
C THR B 89 30.76 -14.51 -4.65
N GLY B 90 30.31 -15.66 -4.20
CA GLY B 90 31.16 -16.70 -3.61
C GLY B 90 31.54 -16.37 -2.18
N LEU B 91 31.00 -15.26 -1.63
CA LEU B 91 31.42 -14.83 -0.30
C LEU B 91 30.82 -15.63 0.84
N PRO B 92 31.61 -15.85 1.94
CA PRO B 92 31.03 -16.53 3.12
C PRO B 92 29.92 -15.68 3.74
N VAL B 93 28.85 -16.31 4.22
CA VAL B 93 27.69 -15.68 4.82
C VAL B 93 27.54 -16.17 6.27
N TYR B 94 27.43 -15.25 7.21
CA TYR B 94 27.22 -15.57 8.62
C TYR B 94 25.83 -15.17 9.02
N SER B 95 25.19 -15.97 9.88
CA SER B 95 23.84 -15.65 10.34
CA SER B 95 23.84 -15.66 10.35
C SER B 95 23.95 -14.89 11.67
N LEU B 96 23.40 -13.66 11.70
CA LEU B 96 23.41 -12.83 12.92
C LEU B 96 22.04 -12.89 13.52
N TYR B 97 21.67 -14.08 13.98
CA TYR B 97 20.35 -14.38 14.53
C TYR B 97 20.50 -15.50 15.55
N GLY B 98 19.62 -15.53 16.55
CA GLY B 98 19.63 -16.52 17.61
C GLY B 98 20.94 -16.59 18.40
N LYS B 99 21.52 -17.78 18.45
CA LYS B 99 22.76 -18.09 19.19
C LYS B 99 23.95 -17.25 18.70
N THR B 100 23.99 -16.95 17.39
CA THR B 100 25.11 -16.23 16.79
C THR B 100 24.77 -14.74 16.46
N ARG B 101 23.86 -14.11 17.19
CA ARG B 101 23.52 -12.71 16.87
C ARG B 101 24.68 -11.76 17.17
N LYS B 102 25.57 -12.15 18.10
CA LYS B 102 26.71 -11.32 18.42
C LYS B 102 27.95 -11.90 17.78
N PRO B 103 28.56 -11.19 16.79
CA PRO B 103 29.79 -11.70 16.17
C PRO B 103 30.89 -11.95 17.20
N THR B 104 31.57 -13.09 17.05
CA THR B 104 32.64 -13.48 17.96
C THR B 104 33.98 -12.90 17.53
N PRO B 105 35.02 -12.91 18.42
CA PRO B 105 36.36 -12.48 17.97
C PRO B 105 36.87 -13.31 16.80
N GLU B 106 36.57 -14.65 16.75
CA GLU B 106 37.01 -15.50 15.63
C GLU B 106 36.44 -15.03 14.30
N MSE B 107 35.17 -14.70 14.27
CA MSE B 107 34.57 -14.18 13.04
C MSE B 107 35.21 -12.84 12.67
O MSE B 107 35.68 -12.65 11.54
CB MSE B 107 33.07 -14.02 13.21
CG MSE B 107 32.32 -15.34 13.23
SE MSE B 107 30.61 -15.09 14.09
CE MSE B 107 29.77 -13.79 12.82
N LEU B 108 35.32 -11.93 13.63
CA LEU B 108 35.83 -10.60 13.33
C LEU B 108 37.33 -10.55 13.00
N LYS B 109 38.11 -11.63 13.20
CA LYS B 109 39.54 -11.64 12.89
C LYS B 109 39.83 -11.45 11.38
N ASP B 110 38.83 -11.75 10.52
CA ASP B 110 38.98 -11.65 9.07
C ASP B 110 38.64 -10.27 8.51
N ILE B 111 38.16 -9.34 9.36
CA ILE B 111 37.74 -8.02 8.86
CA ILE B 111 37.78 -8.02 8.84
C ILE B 111 38.38 -6.89 9.68
N ASP B 112 38.43 -5.70 9.08
CA ASP B 112 38.89 -4.47 9.72
C ASP B 112 37.70 -3.57 10.04
N VAL B 113 36.66 -3.67 9.20
CA VAL B 113 35.48 -2.78 9.34
C VAL B 113 34.23 -3.55 9.00
N LEU B 114 33.16 -3.28 9.78
CA LEU B 114 31.83 -3.79 9.56
C LEU B 114 30.99 -2.67 9.02
N VAL B 115 30.38 -2.86 7.84
CA VAL B 115 29.48 -1.86 7.25
C VAL B 115 28.04 -2.35 7.48
N TYR B 116 27.17 -1.44 7.91
CA TYR B 116 25.77 -1.72 8.19
C TYR B 116 24.88 -0.93 7.22
N ASP B 117 23.98 -1.63 6.49
CA ASP B 117 23.08 -0.94 5.54
C ASP B 117 21.73 -1.66 5.56
N ILE B 118 20.83 -1.16 6.40
CA ILE B 118 19.49 -1.75 6.56
C ILE B 118 18.48 -0.63 6.78
N GLN B 119 17.34 -0.69 6.09
CA GLN B 119 16.25 0.27 6.28
C GLN B 119 15.38 -0.18 7.45
N ASP B 120 15.26 0.66 8.48
CA ASP B 120 14.39 0.30 9.60
C ASP B 120 13.05 1.03 9.48
N ILE B 121 12.19 0.90 10.50
CA ILE B 121 10.85 1.48 10.38
CA ILE B 121 10.81 1.40 10.48
C ILE B 121 10.63 2.70 11.30
N GLY B 122 11.63 3.10 12.08
CA GLY B 122 11.47 4.30 12.90
C GLY B 122 10.61 4.04 14.14
N CYS B 123 10.41 2.74 14.45
CA CYS B 123 9.64 2.30 15.61
C CYS B 123 10.50 1.33 16.41
N ARG B 124 10.47 1.48 17.72
CA ARG B 124 11.31 0.68 18.62
C ARG B 124 11.08 -0.82 18.55
N SER B 125 9.89 -1.26 18.17
CA SER B 125 9.56 -2.69 18.23
C SER B 125 10.18 -3.52 17.08
N PHE B 126 11.06 -2.95 16.27
CA PHE B 126 11.78 -3.56 15.12
CA PHE B 126 11.65 -3.78 15.23
C PHE B 126 13.05 -4.20 15.65
N THR B 127 13.34 -5.48 15.36
CA THR B 127 14.55 -6.11 15.88
C THR B 127 15.88 -5.61 15.30
N TYR B 128 15.86 -4.91 14.15
CA TYR B 128 17.15 -4.56 13.56
CA TYR B 128 17.03 -4.34 13.44
C TYR B 128 17.93 -3.50 14.37
N ILE B 129 17.28 -2.64 15.20
CA ILE B 129 18.12 -1.73 15.97
CA ILE B 129 17.92 -1.74 16.19
C ILE B 129 18.86 -2.53 17.08
N SER B 130 18.29 -3.63 17.62
CA SER B 130 18.98 -4.52 18.57
C SER B 130 20.16 -5.16 17.86
N THR B 131 19.95 -5.63 16.60
CA THR B 131 20.98 -6.26 15.77
C THR B 131 22.13 -5.29 15.57
N MSE B 132 21.80 -4.03 15.19
CA MSE B 132 22.81 -3.00 14.97
C MSE B 132 23.65 -2.75 16.25
O MSE B 132 24.87 -2.71 16.19
CB MSE B 132 22.14 -1.70 14.50
CG MSE B 132 23.16 -0.70 13.97
SE MSE B 132 22.37 1.06 13.67
CE MSE B 132 22.04 1.65 15.59
N GLY B 133 22.97 -2.63 17.39
CA GLY B 133 23.65 -2.38 18.66
C GLY B 133 24.59 -3.48 19.11
N VAL B 134 24.17 -4.73 18.98
CA VAL B 134 25.02 -5.85 19.43
C VAL B 134 26.20 -6.05 18.45
N ALA B 135 25.99 -5.76 17.16
CA ALA B 135 27.09 -5.85 16.18
C ALA B 135 28.11 -4.72 16.48
N MSE B 136 27.60 -3.50 16.82
CA MSE B 136 28.45 -2.36 17.20
CA MSE B 136 28.46 -2.38 17.15
C MSE B 136 29.26 -2.70 18.42
O MSE B 136 30.43 -2.39 18.50
CB MSE B 136 27.61 -1.12 17.52
CB MSE B 136 27.58 -1.13 17.36
CG MSE B 136 27.24 -0.33 16.35
CG MSE B 136 28.33 0.15 17.30
SE MSE B 136 26.10 1.17 16.90
SE MSE B 136 27.06 1.61 17.35
CE MSE B 136 27.38 2.25 18.08
CE MSE B 136 25.85 1.05 16.02
N GLU B 137 28.61 -3.35 19.40
CA GLU B 137 29.27 -3.71 20.64
C GLU B 137 30.37 -4.71 20.38
N ALA B 138 30.12 -5.73 19.53
CA ALA B 138 31.14 -6.71 19.15
C ALA B 138 32.31 -6.01 18.45
N ALA B 139 32.03 -5.09 17.52
CA ALA B 139 33.08 -4.33 16.84
C ALA B 139 33.92 -3.54 17.86
N ALA B 140 33.24 -2.83 18.81
CA ALA B 140 33.91 -2.05 19.86
C ALA B 140 34.84 -2.91 20.71
N GLU B 141 34.37 -4.11 21.10
CA GLU B 141 35.14 -4.99 21.98
C GLU B 141 36.35 -5.61 21.27
N ASN B 142 36.29 -5.70 19.93
CA ASN B 142 37.36 -6.30 19.14
C ASN B 142 38.17 -5.25 18.36
N ASN B 143 38.01 -3.96 18.71
CA ASN B 143 38.73 -2.81 18.12
C ASN B 143 38.54 -2.73 16.61
N LYS B 144 37.31 -3.02 16.11
CA LYS B 144 36.97 -2.94 14.68
C LYS B 144 36.17 -1.72 14.42
N GLU B 145 36.29 -1.20 13.21
CA GLU B 145 35.53 -0.01 12.83
C GLU B 145 34.10 -0.44 12.45
N PHE B 146 33.15 0.43 12.73
CA PHE B 146 31.74 0.18 12.41
C PHE B 146 31.26 1.36 11.60
N ILE B 147 30.74 1.11 10.40
CA ILE B 147 30.26 2.18 9.53
C ILE B 147 28.80 1.99 9.24
N VAL B 148 27.99 3.01 9.55
CA VAL B 148 26.57 2.97 9.24
C VAL B 148 26.31 3.77 7.98
N LEU B 149 25.65 3.16 6.96
CA LEU B 149 25.22 3.89 5.75
C LEU B 149 23.85 4.43 6.07
N ASP B 150 23.77 5.75 6.36
CA ASP B 150 22.50 6.27 6.88
C ASP B 150 21.34 6.13 5.90
N ARG B 151 20.14 5.99 6.48
CA ARG B 151 18.90 5.81 5.74
C ARG B 151 17.82 6.66 6.39
N PRO B 152 16.79 7.06 5.66
CA PRO B 152 15.75 7.92 6.25
C PRO B 152 14.98 7.26 7.37
N ASN B 153 14.50 8.05 8.36
CA ASN B 153 13.55 7.51 9.34
C ASN B 153 12.22 7.63 8.60
N PRO B 154 11.52 6.52 8.30
CA PRO B 154 10.35 6.64 7.41
C PRO B 154 9.17 7.42 8.00
N ILE B 155 9.20 7.63 9.33
CA ILE B 155 8.14 8.37 10.05
C ILE B 155 8.58 9.84 10.24
N GLY B 156 9.75 10.18 9.73
CA GLY B 156 10.32 11.52 9.93
C GLY B 156 11.09 11.61 11.23
N GLY B 157 11.81 12.72 11.39
CA GLY B 157 12.62 12.94 12.58
C GLY B 157 12.02 13.91 13.60
N LEU B 158 10.70 14.10 13.55
CA LEU B 158 10.03 15.05 14.48
C LEU B 158 9.19 14.33 15.50
N LYS B 159 8.45 13.29 15.10
CA LYS B 159 7.55 12.60 16.03
C LYS B 159 8.34 11.76 17.03
N ILE B 160 8.09 12.02 18.31
CA ILE B 160 8.66 11.31 19.46
C ILE B 160 7.48 10.98 20.34
N GLU B 161 7.24 9.68 20.59
CA GLU B 161 6.06 9.23 21.34
C GLU B 161 6.36 8.01 22.18
N GLY B 162 5.72 7.94 23.34
CA GLY B 162 5.85 6.77 24.19
C GLY B 162 6.90 6.87 25.27
N ASN B 163 6.67 6.16 26.39
CA ASN B 163 7.63 6.12 27.47
C ASN B 163 8.91 5.41 27.02
N VAL B 164 10.05 5.73 27.65
CA VAL B 164 11.27 4.98 27.39
C VAL B 164 11.08 3.58 28.02
N VAL B 165 11.85 2.58 27.55
CA VAL B 165 11.75 1.23 28.09
C VAL B 165 12.14 1.19 29.57
N GLU B 166 11.31 0.52 30.37
CA GLU B 166 11.58 0.36 31.80
C GLU B 166 12.40 -0.87 32.08
N ASP B 167 13.24 -0.84 33.14
N ASP B 167 13.09 -0.81 33.24
CA ASP B 167 14.17 -1.93 33.48
CA ASP B 167 13.85 -1.92 33.81
C ASP B 167 13.66 -3.39 33.37
C ASP B 167 12.86 -3.04 34.00
N GLY B 168 12.38 -3.65 33.66
N GLY B 168 13.17 -4.18 33.42
CA GLY B 168 11.83 -5.00 33.59
CA GLY B 168 12.29 -5.34 33.44
C GLY B 168 11.28 -5.39 32.23
C GLY B 168 11.69 -5.62 32.07
N TYR B 169 11.53 -4.56 31.20
CA TYR B 169 10.96 -4.76 29.86
C TYR B 169 11.98 -4.59 28.70
N ILE B 170 13.27 -4.84 28.97
N ILE B 170 13.29 -4.84 28.98
CA ILE B 170 14.32 -4.78 27.95
CA ILE B 170 14.35 -4.81 27.96
C ILE B 170 14.30 -6.10 27.18
C ILE B 170 14.26 -6.12 27.17
N SER B 171 14.25 -6.03 25.83
CA SER B 171 14.21 -7.22 24.94
C SER B 171 14.64 -6.81 23.53
N PHE B 172 14.69 -7.77 22.58
N PHE B 172 14.73 -7.77 22.59
CA PHE B 172 15.07 -7.47 21.19
CA PHE B 172 15.15 -7.44 21.23
C PHE B 172 14.04 -6.58 20.49
C PHE B 172 14.05 -6.63 20.47
N VAL B 173 12.86 -6.42 21.08
CA VAL B 173 11.78 -5.59 20.52
C VAL B 173 11.56 -4.35 21.42
N SER B 174 12.47 -4.12 22.38
CA SER B 174 12.43 -2.99 23.33
C SER B 174 13.82 -2.90 23.93
N GLN B 175 14.81 -2.72 23.07
CA GLN B 175 16.20 -2.93 23.43
C GLN B 175 16.89 -1.81 24.21
N PHE B 176 16.55 -0.56 23.90
CA PHE B 176 17.22 0.60 24.50
CA PHE B 176 17.22 0.56 24.57
C PHE B 176 16.22 1.51 25.21
N LYS B 177 16.72 2.35 26.12
CA LYS B 177 15.93 3.34 26.85
C LYS B 177 15.65 4.53 25.93
N ILE B 178 14.87 4.24 24.88
CA ILE B 178 14.42 5.21 23.90
C ILE B 178 12.89 5.09 23.81
N PRO B 179 12.17 6.13 23.31
CA PRO B 179 10.72 6.04 23.23
C PRO B 179 10.26 5.08 22.13
N TYR B 180 8.93 4.85 22.05
CA TYR B 180 8.33 3.95 21.05
C TYR B 180 8.60 4.45 19.61
N LEU B 181 8.33 5.74 19.37
CA LEU B 181 8.72 6.47 18.16
C LEU B 181 9.82 7.36 18.64
N TYR B 182 11.05 7.07 18.22
CA TYR B 182 12.23 7.71 18.80
C TYR B 182 12.79 8.87 17.96
N GLY B 183 12.33 9.01 16.71
CA GLY B 183 12.63 10.16 15.86
C GLY B 183 14.05 10.32 15.37
N LEU B 184 14.83 9.23 15.37
CA LEU B 184 16.22 9.24 14.89
C LEU B 184 16.40 8.37 13.69
N THR B 185 17.39 8.72 12.84
CA THR B 185 17.78 7.80 11.75
C THR B 185 18.64 6.72 12.39
N CYS B 186 18.93 5.59 11.68
CA CYS B 186 19.79 4.56 12.27
C CYS B 186 21.19 5.12 12.58
N GLY B 187 21.70 6.03 11.73
CA GLY B 187 23.00 6.65 11.97
C GLY B 187 22.98 7.52 13.21
N GLU B 188 21.91 8.35 13.38
CA GLU B 188 21.82 9.19 14.60
C GLU B 188 21.67 8.30 15.84
N LEU B 189 20.87 7.21 15.73
CA LEU B 189 20.74 6.29 16.86
C LEU B 189 22.10 5.68 17.22
N ALA B 190 22.90 5.25 16.22
CA ALA B 190 24.24 4.70 16.48
C ALA B 190 25.11 5.74 17.23
N LEU B 191 25.06 7.00 16.78
CA LEU B 191 25.82 8.08 17.44
C LEU B 191 25.36 8.25 18.89
N MSE B 192 24.06 8.17 19.14
CA MSE B 192 23.52 8.26 20.51
C MSE B 192 23.99 7.05 21.35
O MSE B 192 24.42 7.25 22.48
CB MSE B 192 22.01 8.37 20.54
CG MSE B 192 21.51 8.29 21.97
SE MSE B 192 19.59 8.43 22.05
CE MSE B 192 19.43 10.20 21.55
N LEU B 193 23.93 5.82 20.79
CA LEU B 193 24.36 4.65 21.56
C LEU B 193 25.80 4.80 22.02
N ASN B 194 26.66 5.32 21.13
CA ASN B 194 28.06 5.55 21.42
C ASN B 194 28.25 6.68 22.45
N GLY B 195 27.61 7.83 22.19
CA GLY B 195 27.73 9.01 23.04
C GLY B 195 27.17 8.88 24.44
N GLU B 196 26.12 8.06 24.60
CA GLU B 196 25.45 7.90 25.89
C GLU B 196 25.91 6.66 26.65
N GLN B 197 27.00 5.99 26.19
CA GLN B 197 27.58 4.79 26.80
CA GLN B 197 27.58 4.82 26.85
C GLN B 197 26.50 3.72 27.02
N MSE B 198 25.64 3.55 26.00
CA MSE B 198 24.56 2.57 26.07
C MSE B 198 25.03 1.16 25.72
O MSE B 198 24.29 0.20 25.98
CB MSE B 198 23.39 3.03 25.21
CG MSE B 198 22.73 4.25 25.81
SE MSE B 198 21.46 5.06 24.60
CE MSE B 198 20.17 3.96 24.81
N LEU B 199 26.26 1.02 25.20
CA LEU B 199 26.90 -0.27 24.92
C LEU B 199 28.07 -0.48 25.92
N SER B 200 28.71 -1.66 25.91
CA SER B 200 29.76 -2.02 26.89
C SER B 200 30.98 -1.11 26.86
N LYS B 201 31.38 -0.64 25.66
CA LYS B 201 32.55 0.24 25.55
C LYS B 201 32.49 1.09 24.28
N PRO B 202 33.25 2.22 24.24
CA PRO B 202 33.25 3.09 23.05
C PRO B 202 33.63 2.36 21.78
N CYS B 203 32.93 2.71 20.69
CA CYS B 203 33.08 2.12 19.37
C CYS B 203 33.76 3.10 18.41
N ASN B 204 34.58 2.55 17.50
CA ASN B 204 35.17 3.32 16.41
C ASN B 204 34.07 3.41 15.33
N LEU B 205 33.15 4.36 15.52
CA LEU B 205 31.96 4.50 14.68
C LEU B 205 32.08 5.65 13.69
N HIS B 206 31.64 5.39 12.44
CA HIS B 206 31.58 6.39 11.37
CA HIS B 206 31.56 6.41 11.41
C HIS B 206 30.21 6.27 10.72
N VAL B 207 29.49 7.38 10.59
CA VAL B 207 28.21 7.37 9.92
C VAL B 207 28.40 8.08 8.56
N VAL B 208 27.99 7.43 7.48
CA VAL B 208 27.97 8.05 6.16
C VAL B 208 26.65 8.79 6.09
N LYS B 209 26.72 10.11 6.22
CA LYS B 209 25.57 10.98 6.31
C LYS B 209 24.86 11.14 4.96
N MSE B 210 23.51 11.18 5.01
CA MSE B 210 22.70 11.43 3.82
C MSE B 210 22.83 12.90 3.37
O MSE B 210 23.20 13.77 4.16
CB MSE B 210 21.22 11.16 4.15
CG MSE B 210 20.92 9.71 4.39
SE MSE B 210 19.05 9.46 4.63
CE MSE B 210 18.87 10.16 6.48
N LYS B 211 22.48 13.17 2.10
CA LYS B 211 22.34 14.51 1.57
C LYS B 211 20.86 14.78 1.29
N GLY B 212 20.39 15.98 1.64
CA GLY B 212 19.01 16.37 1.34
C GLY B 212 17.93 15.93 2.30
N TRP B 213 18.18 14.90 3.18
CA TRP B 213 17.12 14.49 4.10
C TRP B 213 16.86 15.54 5.17
N LYS B 214 15.56 15.79 5.46
CA LYS B 214 15.13 16.78 6.45
C LYS B 214 14.23 16.10 7.46
N ARG B 215 14.30 16.56 8.71
CA ARG B 215 13.50 15.97 9.81
C ARG B 215 12.01 15.89 9.47
N LYS B 216 11.45 16.90 8.78
CA LYS B 216 10.01 16.91 8.47
C LYS B 216 9.60 15.87 7.38
N MSE B 217 10.58 15.28 6.65
CA MSE B 217 10.28 14.34 5.58
C MSE B 217 9.84 12.96 6.05
O MSE B 217 10.63 12.25 6.69
CB MSE B 217 11.54 14.11 4.74
CG MSE B 217 11.71 15.06 3.67
SE MSE B 217 13.23 14.45 2.63
CE MSE B 217 13.53 16.20 1.88
N ASP B 218 8.63 12.52 5.64
CA ASP B 218 8.20 11.14 5.82
C ASP B 218 8.78 10.37 4.61
N TYR B 219 8.73 9.04 4.60
CA TYR B 219 9.36 8.27 3.51
C TYR B 219 8.84 8.64 2.12
N VAL B 220 7.55 8.93 2.00
CA VAL B 220 6.95 9.27 0.69
C VAL B 220 7.65 10.52 0.09
N GLN B 221 7.99 11.49 0.95
CA GLN B 221 8.65 12.72 0.48
C GLN B 221 10.08 12.50 -0.06
N THR B 222 10.71 11.35 0.28
CA THR B 222 12.07 11.09 -0.21
C THR B 222 12.10 10.65 -1.67
N GLY B 223 10.97 10.08 -2.13
CA GLY B 223 10.83 9.58 -3.48
C GLY B 223 11.47 8.22 -3.69
N LEU B 224 12.07 7.65 -2.62
CA LEU B 224 12.69 6.31 -2.74
C LEU B 224 11.64 5.21 -2.83
N GLN B 225 12.03 4.07 -3.42
CA GLN B 225 11.17 2.88 -3.37
C GLN B 225 11.21 2.30 -1.98
N TRP B 226 10.09 1.75 -1.56
CA TRP B 226 10.04 1.07 -0.26
C TRP B 226 10.08 -0.42 -0.53
N ILE B 227 11.01 -1.12 0.14
CA ILE B 227 11.11 -2.57 -0.03
CA ILE B 227 11.18 -2.57 0.01
C ILE B 227 10.35 -3.25 1.13
N PRO B 228 9.40 -4.16 0.79
CA PRO B 228 8.57 -4.80 1.84
C PRO B 228 9.23 -6.01 2.51
N SER B 229 10.36 -5.77 3.22
CA SER B 229 11.09 -6.79 4.01
C SER B 229 10.15 -7.41 5.06
N SER B 230 9.35 -6.55 5.77
CA SER B 230 8.34 -7.04 6.70
CA SER B 230 8.33 -7.01 6.72
C SER B 230 7.04 -7.19 5.90
N PRO B 231 6.50 -8.42 5.71
CA PRO B 231 5.32 -8.56 4.81
C PRO B 231 4.15 -7.61 5.13
N HIS B 232 3.90 -7.32 6.40
CA HIS B 232 2.75 -6.50 6.76
C HIS B 232 3.07 -4.97 6.83
N ILE B 233 4.29 -4.56 6.42
CA ILE B 233 4.66 -3.13 6.27
CA ILE B 233 4.68 -3.14 6.26
C ILE B 233 5.07 -3.02 4.77
N PRO B 234 4.07 -3.15 3.86
CA PRO B 234 4.43 -3.29 2.44
C PRO B 234 4.73 -2.05 1.66
N HIS B 235 4.23 -0.88 2.08
CA HIS B 235 4.29 0.33 1.28
C HIS B 235 5.02 1.48 1.99
N PRO B 236 5.41 2.53 1.21
CA PRO B 236 6.09 3.69 1.81
C PRO B 236 5.33 4.33 2.96
N HIS B 237 3.96 4.31 2.96
CA HIS B 237 3.13 4.90 4.03
C HIS B 237 2.84 3.92 5.19
N SER B 238 3.05 2.61 4.97
CA SER B 238 2.73 1.60 5.97
C SER B 238 3.52 1.80 7.27
N ALA B 239 4.78 2.29 7.18
CA ALA B 239 5.59 2.51 8.39
C ALA B 239 4.95 3.50 9.33
N PHE B 240 4.21 4.52 8.84
CA PHE B 240 3.65 5.41 9.84
CA PHE B 240 3.65 5.41 9.84
C PHE B 240 2.30 4.90 10.36
N PHE B 241 1.71 3.87 9.70
CA PHE B 241 0.49 3.29 10.26
C PHE B 241 0.83 2.21 11.29
N TYR B 242 1.99 1.57 11.15
CA TYR B 242 2.36 0.53 12.12
C TYR B 242 2.22 1.02 13.60
N PRO B 243 2.74 2.21 14.02
CA PRO B 243 2.54 2.64 15.42
C PRO B 243 1.10 3.06 15.75
N VAL B 244 0.25 3.32 14.73
CA VAL B 244 -1.14 3.69 14.96
C VAL B 244 -1.91 2.52 15.63
N SER B 245 -1.59 1.27 15.22
CA SER B 245 -2.39 0.14 15.66
C SER B 245 -1.56 -1.08 16.08
N GLY B 246 -0.24 -1.00 15.92
CA GLY B 246 0.63 -2.14 16.19
C GLY B 246 0.66 -2.68 17.61
N ILE B 247 0.45 -1.81 18.63
CA ILE B 247 0.49 -2.30 20.03
C ILE B 247 -0.77 -3.11 20.29
N LEU B 248 -1.95 -2.54 20.00
CA LEU B 248 -3.21 -3.27 20.11
C LEU B 248 -3.15 -4.58 19.26
N GLY B 249 -2.49 -4.51 18.09
CA GLY B 249 -2.34 -5.65 17.20
C GLY B 249 -1.67 -6.87 17.81
N GLU B 250 -0.85 -6.66 18.86
CA GLU B 250 -0.20 -7.78 19.52
C GLU B 250 -1.21 -8.72 20.19
N LEU B 251 -2.43 -8.25 20.43
CA LEU B 251 -3.44 -9.06 21.13
C LEU B 251 -4.28 -9.97 20.25
N GLY B 252 -4.46 -9.61 18.98
CA GLY B 252 -5.30 -10.37 18.05
C GLY B 252 -6.76 -10.37 18.47
N TYR B 253 -7.18 -9.32 19.16
CA TYR B 253 -8.54 -9.13 19.68
C TYR B 253 -9.43 -8.47 18.63
N MSE B 254 -8.99 -7.32 18.10
CA MSE B 254 -9.68 -6.64 17.00
C MSE B 254 -8.86 -6.87 15.74
O MSE B 254 -7.66 -7.07 15.86
CB MSE B 254 -9.79 -5.12 17.29
CG MSE B 254 -10.76 -4.77 18.39
SE MSE B 254 -10.91 -2.82 18.47
CE MSE B 254 -12.30 -2.57 17.05
N SER B 255 -9.46 -6.77 14.55
CA SER B 255 -8.66 -6.78 13.34
C SER B 255 -8.06 -5.40 13.21
N ILE B 256 -6.77 -5.32 12.86
CA ILE B 256 -6.13 -4.03 12.63
CA ILE B 256 -6.14 -4.02 12.63
C ILE B 256 -5.69 -4.00 11.15
N GLY B 257 -6.33 -4.84 10.34
CA GLY B 257 -6.04 -4.89 8.91
C GLY B 257 -5.07 -5.96 8.49
N VAL B 258 -4.36 -6.56 9.46
CA VAL B 258 -3.49 -7.73 9.20
C VAL B 258 -4.47 -8.87 8.97
N GLY B 259 -4.51 -9.33 7.72
CA GLY B 259 -5.50 -10.31 7.27
C GLY B 259 -6.35 -9.70 6.17
N TYR B 260 -6.12 -8.40 5.89
CA TYR B 260 -6.84 -7.67 4.84
C TYR B 260 -5.83 -6.88 4.02
N THR B 261 -6.27 -5.97 3.15
CA THR B 261 -5.36 -5.33 2.19
C THR B 261 -4.82 -3.96 2.63
N ILE B 262 -5.20 -3.50 3.82
CA ILE B 262 -4.72 -2.22 4.37
C ILE B 262 -4.14 -2.48 5.79
N PRO B 263 -3.10 -3.34 5.93
CA PRO B 263 -2.60 -3.67 7.26
C PRO B 263 -2.14 -2.44 8.05
N PHE B 264 -2.62 -2.40 9.32
CA PHE B 264 -2.33 -1.36 10.33
C PHE B 264 -3.12 -0.06 10.09
N GLN B 265 -3.95 0.02 9.03
CA GLN B 265 -4.64 1.29 8.72
C GLN B 265 -6.10 1.34 9.18
N MSE B 266 -6.52 0.36 9.98
CA MSE B 266 -7.91 0.25 10.34
C MSE B 266 -8.11 -0.51 11.66
O MSE B 266 -7.18 -1.14 12.13
CB MSE B 266 -8.65 -0.54 9.22
CG MSE B 266 -7.94 -1.82 8.87
SE MSE B 266 -9.07 -3.10 7.97
CE MSE B 266 -10.07 -3.71 9.55
N PHE B 267 -9.33 -0.47 12.20
CA PHE B 267 -9.74 -1.19 13.41
C PHE B 267 -11.10 -1.75 13.19
N ALA B 268 -11.30 -3.06 13.39
CA ALA B 268 -12.64 -3.65 13.16
C ALA B 268 -12.87 -4.88 14.06
N ALA B 269 -14.14 -5.21 14.24
CA ALA B 269 -14.54 -6.41 14.99
C ALA B 269 -15.97 -6.78 14.57
N ARG B 270 -16.39 -8.03 14.85
CA ARG B 270 -17.75 -8.48 14.48
C ARG B 270 -18.84 -7.67 15.17
N TRP B 271 -18.60 -7.34 16.45
CA TRP B 271 -19.56 -6.74 17.36
C TRP B 271 -19.65 -5.21 17.30
N VAL B 272 -18.91 -4.56 16.38
CA VAL B 272 -18.95 -3.11 16.25
C VAL B 272 -20.04 -2.67 15.25
N GLU B 273 -20.63 -1.49 15.48
CA GLU B 273 -21.49 -0.80 14.51
C GLU B 273 -20.63 0.31 13.93
N ALA B 274 -20.17 0.15 12.69
CA ALA B 274 -19.20 1.03 12.02
C ALA B 274 -19.55 2.54 12.13
N GLU B 275 -20.79 2.92 11.82
CA GLU B 275 -21.15 4.35 11.83
C GLU B 275 -21.07 4.96 13.23
N LYS B 276 -21.45 4.22 14.27
CA LYS B 276 -21.41 4.70 15.67
C LYS B 276 -19.97 4.91 16.11
N LEU B 277 -19.11 3.93 15.79
CA LEU B 277 -17.71 4.05 16.17
C LEU B 277 -17.05 5.24 15.46
N ALA B 278 -17.29 5.40 14.15
CA ALA B 278 -16.72 6.51 13.39
C ALA B 278 -17.21 7.84 13.93
N ASP B 279 -18.52 7.96 14.22
CA ASP B 279 -19.08 9.20 14.73
CA ASP B 279 -19.11 9.19 14.76
C ASP B 279 -18.43 9.57 16.07
N ASN B 280 -18.34 8.64 17.01
CA ASN B 280 -17.72 8.89 18.33
C ASN B 280 -16.25 9.29 18.18
N LEU B 281 -15.53 8.62 17.29
CA LEU B 281 -14.12 8.93 17.08
C LEU B 281 -13.92 10.27 16.42
N ASN B 282 -14.74 10.62 15.42
CA ASN B 282 -14.60 11.92 14.76
C ASN B 282 -14.97 13.07 15.70
N ARG B 283 -15.83 12.82 16.70
CA ARG B 283 -16.22 13.85 17.69
C ARG B 283 -15.03 14.23 18.61
N LEU B 284 -13.95 13.42 18.61
CA LEU B 284 -12.74 13.69 19.41
C LEU B 284 -11.90 14.78 18.76
N HIS B 285 -12.13 15.03 17.47
CA HIS B 285 -11.44 16.01 16.63
C HIS B 285 -9.91 15.87 16.77
N LEU B 286 -9.42 14.63 16.60
CA LEU B 286 -7.98 14.36 16.64
C LEU B 286 -7.32 15.07 15.46
N PRO B 287 -6.31 15.94 15.70
CA PRO B 287 -5.70 16.66 14.58
C PRO B 287 -5.15 15.72 13.48
N GLY B 288 -5.42 16.10 12.23
CA GLY B 288 -4.94 15.43 11.04
C GLY B 288 -5.53 14.07 10.71
N VAL B 289 -6.59 13.67 11.40
CA VAL B 289 -7.20 12.34 11.18
C VAL B 289 -8.69 12.44 10.84
N ILE B 290 -9.16 11.54 9.95
CA ILE B 290 -10.58 11.33 9.70
C ILE B 290 -10.82 9.82 9.82
N PHE B 291 -11.81 9.41 10.59
CA PHE B 291 -12.21 8.01 10.72
C PHE B 291 -13.37 7.78 9.78
N ARG B 292 -13.28 6.73 8.97
CA ARG B 292 -14.31 6.43 7.97
C ARG B 292 -14.91 5.08 8.29
N PRO B 293 -16.26 4.96 8.37
CA PRO B 293 -16.84 3.64 8.70
C PRO B 293 -16.62 2.68 7.54
N MSE B 294 -16.38 1.42 7.85
CA MSE B 294 -16.13 0.42 6.83
C MSE B 294 -16.63 -0.96 7.27
O MSE B 294 -16.75 -1.25 8.46
CB MSE B 294 -14.60 0.34 6.53
CG MSE B 294 -13.80 -0.33 7.63
SE MSE B 294 -11.94 -0.47 7.11
CE MSE B 294 -12.07 -1.69 5.59
N HIS B 295 -16.89 -1.79 6.26
CA HIS B 295 -17.25 -3.20 6.37
C HIS B 295 -16.22 -3.99 5.62
N LEU B 296 -15.86 -5.19 6.10
CA LEU B 296 -14.89 -6.03 5.42
C LEU B 296 -15.06 -7.47 5.83
N LYS B 297 -14.47 -8.36 5.01
CA LYS B 297 -14.40 -9.77 5.30
C LYS B 297 -12.93 -10.16 5.16
N PRO B 298 -12.19 -10.31 6.28
CA PRO B 298 -10.76 -10.62 6.18
C PRO B 298 -10.51 -11.92 5.42
N PHE B 299 -9.40 -11.95 4.69
CA PHE B 299 -9.00 -13.13 3.90
C PHE B 299 -8.24 -14.12 4.77
N TYR B 300 -7.61 -13.65 5.86
CA TYR B 300 -6.84 -14.49 6.75
C TYR B 300 -6.67 -13.79 8.10
N SER B 301 -5.97 -14.44 9.03
CA SER B 301 -5.67 -13.92 10.35
C SER B 301 -6.97 -13.54 11.11
N VAL B 302 -6.97 -12.41 11.84
CA VAL B 302 -8.07 -12.03 12.74
C VAL B 302 -9.39 -11.86 11.97
N GLY B 303 -10.43 -12.63 12.39
CA GLY B 303 -11.74 -12.54 11.76
C GLY B 303 -11.84 -13.11 10.36
N LYS B 304 -10.89 -13.98 9.99
CA LYS B 304 -10.89 -14.63 8.67
C LYS B 304 -12.29 -15.14 8.29
N GLU B 305 -12.79 -14.70 7.11
CA GLU B 305 -14.06 -15.11 6.48
CA GLU B 305 -14.06 -15.07 6.47
C GLU B 305 -15.31 -14.74 7.33
N GLU B 306 -15.16 -13.79 8.27
CA GLU B 306 -16.27 -13.29 9.08
C GLU B 306 -16.59 -11.85 8.65
N HIS B 307 -17.83 -11.39 8.87
CA HIS B 307 -18.21 -10.01 8.52
CA HIS B 307 -18.17 -10.03 8.50
C HIS B 307 -17.82 -9.10 9.68
N LEU B 308 -16.81 -8.24 9.48
CA LEU B 308 -16.34 -7.29 10.49
C LEU B 308 -16.74 -5.89 10.10
N GLN B 309 -16.77 -4.99 11.09
CA GLN B 309 -17.11 -3.58 10.92
C GLN B 309 -16.16 -2.74 11.74
N GLY B 310 -15.91 -1.55 11.28
CA GLY B 310 -15.06 -0.66 12.06
C GLY B 310 -14.75 0.58 11.31
N VAL B 311 -13.49 1.02 11.44
CA VAL B 311 -13.09 2.28 10.82
C VAL B 311 -11.80 2.15 10.10
N GLN B 312 -11.66 2.90 9.00
CA GLN B 312 -10.36 3.12 8.36
C GLN B 312 -9.84 4.42 8.93
N VAL B 313 -8.55 4.47 9.28
CA VAL B 313 -7.92 5.68 9.80
C VAL B 313 -7.31 6.41 8.61
N HIS B 314 -7.87 7.57 8.25
CA HIS B 314 -7.32 8.33 7.15
C HIS B 314 -6.48 9.45 7.74
N ILE B 315 -5.17 9.47 7.42
CA ILE B 315 -4.30 10.52 7.93
C ILE B 315 -4.29 11.58 6.85
N VAL B 316 -5.07 12.63 7.08
CA VAL B 316 -5.21 13.71 6.11
C VAL B 316 -4.08 14.75 6.26
N ASP B 317 -3.44 14.82 7.45
CA ASP B 317 -2.32 15.73 7.69
C ASP B 317 -1.31 15.04 8.58
N PHE B 318 -0.37 14.35 7.96
CA PHE B 318 0.65 13.59 8.67
C PHE B 318 1.41 14.44 9.71
N ASN B 319 1.80 15.66 9.34
CA ASN B 319 2.53 16.60 10.19
CA ASN B 319 2.56 16.55 10.23
C ASN B 319 1.81 16.86 11.52
N LYS B 320 0.48 16.97 11.47
CA LYS B 320 -0.34 17.27 12.63
C LYS B 320 -0.70 16.06 13.47
N ALA B 321 -0.74 14.88 12.87
CA ALA B 321 -1.22 13.70 13.57
C ALA B 321 -0.29 13.08 14.62
N SER B 322 -0.85 12.77 15.80
CA SER B 322 -0.17 12.03 16.88
CA SER B 322 -0.19 12.04 16.88
C SER B 322 -0.54 10.58 16.61
N LEU B 323 0.42 9.75 16.27
CA LEU B 323 0.08 8.40 15.80
C LEU B 323 -0.27 7.33 16.81
N SER B 324 0.65 7.00 17.74
CA SER B 324 0.47 5.83 18.61
C SER B 324 -0.71 5.96 19.58
N GLU B 325 -1.19 7.19 19.87
CA GLU B 325 -2.34 7.33 20.77
C GLU B 325 -3.66 6.85 20.10
N ILE B 326 -3.71 6.79 18.76
CA ILE B 326 -4.96 6.48 18.05
C ILE B 326 -5.57 5.16 18.51
N GLN B 327 -4.76 4.07 18.60
CA GLN B 327 -5.32 2.78 19.05
C GLN B 327 -5.97 2.91 20.45
N PHE B 328 -5.42 3.75 21.33
CA PHE B 328 -5.98 3.90 22.67
C PHE B 328 -7.29 4.67 22.64
N TYR B 329 -7.43 5.69 21.77
CA TYR B 329 -8.72 6.36 21.62
C TYR B 329 -9.76 5.39 21.04
N VAL B 330 -9.34 4.51 20.12
CA VAL B 330 -10.25 3.53 19.54
C VAL B 330 -10.72 2.57 20.65
N MSE B 331 -9.79 2.05 21.45
CA MSE B 331 -10.12 1.12 22.56
C MSE B 331 -11.07 1.83 23.51
O MSE B 331 -12.07 1.25 23.95
CB MSE B 331 -8.82 0.67 23.26
CG MSE B 331 -7.92 -0.16 22.34
SE MSE B 331 -6.03 -0.12 22.92
CE MSE B 331 -6.25 -1.23 24.33
N GLN B 332 -10.80 3.10 23.80
CA GLN B 332 -11.65 3.88 24.71
C GLN B 332 -13.08 3.99 24.18
N GLU B 333 -13.22 4.43 22.92
CA GLU B 333 -14.54 4.66 22.32
C GLU B 333 -15.29 3.34 22.06
N VAL B 334 -14.60 2.26 21.68
CA VAL B 334 -15.21 0.94 21.48
CA VAL B 334 -15.29 0.97 21.47
C VAL B 334 -15.81 0.45 22.82
N THR B 335 -15.06 0.65 23.91
CA THR B 335 -15.48 0.18 25.22
C THR B 335 -16.63 1.03 25.76
N ALA B 336 -16.64 2.35 25.48
CA ALA B 336 -17.74 3.23 25.91
C ALA B 336 -19.03 2.78 25.21
N LEU B 337 -18.92 2.39 23.92
CA LEU B 337 -20.07 1.91 23.16
C LEU B 337 -20.49 0.49 23.59
N TYR B 338 -19.51 -0.38 23.88
CA TYR B 338 -19.72 -1.80 24.23
C TYR B 338 -18.94 -2.13 25.54
N PRO B 339 -19.47 -1.72 26.71
CA PRO B 339 -18.72 -1.91 27.96
C PRO B 339 -18.40 -3.35 28.32
N ASP B 340 -19.15 -4.31 27.76
CA ASP B 340 -18.91 -5.73 27.99
C ASP B 340 -17.87 -6.31 26.98
N ARG B 341 -17.17 -5.45 26.23
CA ARG B 341 -16.16 -5.84 25.24
C ARG B 341 -14.78 -5.26 25.57
N ALA B 342 -14.58 -4.76 26.81
CA ALA B 342 -13.30 -4.14 27.22
C ALA B 342 -12.14 -5.06 26.86
N VAL B 343 -11.12 -4.50 26.24
CA VAL B 343 -9.96 -5.25 25.72
C VAL B 343 -9.31 -6.15 26.78
N PHE B 344 -8.94 -5.60 27.96
CA PHE B 344 -8.21 -6.43 28.92
C PHE B 344 -9.14 -7.29 29.77
N ASP B 345 -10.44 -7.20 29.52
CA ASP B 345 -11.37 -8.14 30.15
C ASP B 345 -11.58 -9.34 29.25
N HIS B 346 -11.42 -9.19 27.91
CA HIS B 346 -11.80 -10.28 26.99
C HIS B 346 -10.76 -10.70 25.97
N ALA B 347 -9.64 -9.96 25.82
CA ALA B 347 -8.60 -10.40 24.90
C ALA B 347 -7.85 -11.57 25.49
N ASP B 348 -7.06 -12.25 24.65
CA ASP B 348 -6.29 -13.43 25.05
C ASP B 348 -5.23 -13.02 26.08
N LYS B 349 -5.40 -13.47 27.34
CA LYS B 349 -4.48 -13.15 28.45
C LYS B 349 -3.06 -13.61 28.17
N GLU B 350 -2.88 -14.64 27.32
CA GLU B 350 -1.55 -15.15 26.96
C GLU B 350 -0.77 -14.16 26.09
N ARG B 351 -1.44 -13.12 25.54
CA ARG B 351 -0.81 -12.11 24.70
CA ARG B 351 -0.77 -12.12 24.71
C ARG B 351 -0.52 -10.81 25.46
N PHE B 352 -1.00 -10.68 26.71
CA PHE B 352 -0.79 -9.44 27.48
C PHE B 352 0.69 -9.15 27.68
N HIS B 353 1.53 -10.20 27.84
CA HIS B 353 2.97 -9.99 28.05
C HIS B 353 3.63 -9.31 26.84
N MSE B 354 3.16 -9.63 25.58
CA MSE B 354 3.69 -9.01 24.36
CA MSE B 354 3.73 -9.02 24.38
C MSE B 354 3.25 -7.56 24.25
O MSE B 354 4.02 -6.72 23.81
CB MSE B 354 3.27 -9.81 23.12
CB MSE B 354 3.44 -9.83 23.12
CG MSE B 354 4.09 -11.09 22.91
CG MSE B 354 4.24 -9.38 21.90
SE MSE B 354 6.03 -10.86 23.13
SE MSE B 354 6.20 -9.25 22.10
CE MSE B 354 6.38 -9.52 21.72
CE MSE B 354 6.63 -11.13 22.05
N PHE B 355 2.01 -7.26 24.69
CA PHE B 355 1.51 -5.89 24.68
C PHE B 355 2.40 -5.04 25.60
N ASP B 356 2.69 -5.57 26.82
CA ASP B 356 3.53 -4.90 27.79
C ASP B 356 4.96 -4.71 27.26
N LEU B 357 5.50 -5.75 26.63
CA LEU B 357 6.88 -5.72 26.15
C LEU B 357 7.08 -4.64 25.09
N VAL B 358 6.20 -4.61 24.04
CA VAL B 358 6.35 -3.63 22.97
C VAL B 358 6.11 -2.21 23.52
N SER B 359 5.25 -2.08 24.56
CA SER B 359 4.99 -0.80 25.24
C SER B 359 6.18 -0.38 26.13
N GLY B 360 7.09 -1.31 26.42
CA GLY B 360 8.26 -1.04 27.26
C GLY B 360 7.91 -0.89 28.75
N SER B 361 6.66 -1.28 29.14
CA SER B 361 6.15 -1.12 30.49
C SER B 361 4.81 -1.79 30.67
N LYS B 362 4.57 -2.39 31.83
CA LYS B 362 3.24 -2.95 32.14
C LYS B 362 2.28 -1.82 32.56
N GLU B 363 2.78 -0.59 32.82
CA GLU B 363 1.93 0.53 33.27
C GLU B 363 0.87 0.93 32.26
N ILE B 364 1.17 0.76 30.96
CA ILE B 364 0.26 1.17 29.90
C ILE B 364 -1.02 0.34 30.01
N ARG B 365 -0.89 -0.99 30.03
CA ARG B 365 -2.04 -1.88 30.17
C ARG B 365 -2.72 -1.70 31.55
N GLU B 366 -1.93 -1.70 32.60
CA GLU B 366 -2.46 -1.59 33.96
C GLU B 366 -3.28 -0.32 34.17
N ARG B 367 -2.80 0.82 33.67
CA ARG B 367 -3.53 2.08 33.85
C ARG B 367 -4.70 2.18 32.89
N PHE B 368 -4.52 1.68 31.65
CA PHE B 368 -5.66 1.72 30.74
C PHE B 368 -6.82 0.83 31.20
N SER B 369 -6.51 -0.33 31.83
CA SER B 369 -7.51 -1.30 32.30
CA SER B 369 -7.54 -1.27 32.26
C SER B 369 -8.42 -0.74 33.39
N GLN B 370 -7.97 0.29 34.13
CA GLN B 370 -8.73 0.82 35.27
C GLN B 370 -10.08 1.44 34.87
N ARG B 371 -10.14 2.25 33.80
CA ARG B 371 -11.40 2.88 33.35
C ARG B 371 -11.55 2.82 31.83
N ASN B 372 -10.57 2.24 31.11
CA ASN B 372 -10.54 2.17 29.65
C ASN B 372 -10.54 3.60 29.07
N ARG B 373 -9.75 4.49 29.70
CA ARG B 373 -9.66 5.88 29.27
C ARG B 373 -8.22 6.25 28.96
N TRP B 374 -8.00 6.84 27.78
CA TRP B 374 -6.65 7.25 27.38
C TRP B 374 -6.06 8.27 28.34
N GLU B 375 -6.88 9.19 28.92
CA GLU B 375 -6.34 10.21 29.84
C GLU B 375 -5.62 9.60 31.04
N ASP B 376 -5.92 8.35 31.39
CA ASP B 376 -5.28 7.67 32.51
C ASP B 376 -3.89 7.15 32.15
N VAL B 377 -3.52 7.22 30.86
CA VAL B 377 -2.23 6.70 30.35
C VAL B 377 -1.43 7.81 29.67
N ARG B 378 -2.12 8.82 29.10
CA ARG B 378 -1.50 9.88 28.29
C ARG B 378 -0.28 10.51 28.95
N ASP B 379 -0.37 10.91 30.23
CA ASP B 379 0.79 11.50 30.88
C ASP B 379 1.97 10.55 30.88
N TYR B 380 1.74 9.24 31.14
CA TYR B 380 2.81 8.26 31.18
C TYR B 380 3.46 8.09 29.81
N TRP B 381 2.63 8.10 28.77
CA TRP B 381 3.06 7.91 27.39
C TRP B 381 3.90 9.08 26.90
N TYR B 382 3.64 10.29 27.40
CA TYR B 382 4.39 11.46 26.91
C TYR B 382 5.42 12.01 27.92
N LYS B 383 5.59 11.36 29.08
CA LYS B 383 6.49 11.82 30.16
C LYS B 383 7.99 11.96 29.77
N ASP B 384 8.48 11.08 28.89
CA ASP B 384 9.90 11.04 28.53
C ASP B 384 10.25 11.79 27.24
N VAL B 385 9.24 12.24 26.48
CA VAL B 385 9.41 12.90 25.18
C VAL B 385 10.32 14.14 25.25
N ASP B 386 10.02 15.09 26.15
CA ASP B 386 10.82 16.33 26.24
C ASP B 386 12.29 16.08 26.54
N ASP B 387 12.60 15.22 27.54
CA ASP B 387 13.96 14.84 27.93
C ASP B 387 14.64 14.13 26.75
N PHE B 388 13.87 13.23 26.06
CA PHE B 388 14.48 12.51 24.93
C PHE B 388 14.80 13.45 23.75
N ARG B 389 13.91 14.41 23.42
CA ARG B 389 14.17 15.34 22.33
CA ARG B 389 14.15 15.36 22.34
C ARG B 389 15.41 16.16 22.67
N ARG B 390 15.54 16.63 23.95
CA ARG B 390 16.72 17.40 24.36
C ARG B 390 17.99 16.56 24.23
N LEU B 391 17.95 15.31 24.69
CA LEU B 391 19.10 14.40 24.59
C LEU B 391 19.48 14.19 23.09
N SER B 392 18.47 14.06 22.22
CA SER B 392 18.67 13.81 20.77
C SER B 392 19.36 14.95 20.05
N GLN B 393 19.17 16.19 20.51
CA GLN B 393 19.76 17.39 19.90
C GLN B 393 21.27 17.27 19.73
N LYS B 394 21.95 16.62 20.67
CA LYS B 394 23.41 16.39 20.66
C LYS B 394 23.83 15.48 19.49
N TYR B 395 22.89 14.66 18.98
CA TYR B 395 23.21 13.62 17.99
C TYR B 395 22.59 13.85 16.62
N TYR B 396 21.61 14.76 16.48
CA TYR B 396 21.00 15.01 15.18
C TYR B 396 22.03 15.38 14.13
N LEU B 397 21.92 14.78 12.94
CA LEU B 397 22.79 15.08 11.80
C LEU B 397 22.10 15.98 10.79
N TYR B 398 20.77 16.08 10.86
CA TYR B 398 19.94 16.75 9.86
C TYR B 398 19.01 17.74 10.50
N LYS B 399 18.79 18.86 9.81
CA LYS B 399 17.80 19.87 10.24
C LYS B 399 16.41 19.55 9.64
K K C . -33.38 14.34 0.90
K K D . 28.91 9.66 31.69
K K E . 35.46 -5.58 -4.59
C FMT F . 42.62 -4.49 1.66
O1 FMT F . 43.55 -3.78 1.99
O2 FMT F . 42.22 -5.31 2.66
OH2 1PE G . 33.51 4.06 32.06
C12 1PE G . 32.27 4.08 32.77
C22 1PE G . 31.48 5.34 32.43
OH3 1PE G . 32.23 6.49 32.80
C13 1PE G . 32.10 8.89 33.03
C23 1PE G . 31.42 7.55 33.31
OH4 1PE G . 31.64 9.41 31.79
C14 1PE G . 31.92 10.94 29.93
C24 1PE G . 32.54 10.35 31.19
OH5 1PE G . 30.57 11.36 30.21
C15 1PE G . 28.89 10.93 28.50
C25 1PE G . 29.90 11.92 29.08
OH6 1PE G . 27.81 10.66 29.42
C16 1PE G . 25.69 9.50 29.73
C26 1PE G . 26.71 10.05 28.75
OH7 1PE G . 26.28 8.62 30.69
#